data_2E1T
#
_entry.id   2E1T
#
_cell.length_a   52.646
_cell.length_b   122.922
_cell.length_c   69.848
_cell.angle_alpha   90.00
_cell.angle_beta   94.16
_cell.angle_gamma   90.00
#
_symmetry.space_group_name_H-M   'P 1 21 1'
#
loop_
_entity.id
_entity.type
_entity.pdbx_description
1 polymer 'acyl transferase'
2 non-polymer 'MALONYL-COENZYME A'
3 water water
#
_entity_poly.entity_id   1
_entity_poly.type   'polypeptide(L)'
_entity_poly.pdbx_seq_one_letter_code
;MASLPILTVLEQSQVSPPPDTLGDKSLQLTFFDFFWLRSPPINNLFFYELPITRSQFTETVVPNIKHSLSITLKHFYPFV
GKLVVYPAPTKKPEICYVEGDSVAVTFAECNLDLNELTGNHPRNCDKFYDLVPILGESTRLSDCIKIPLFSVQVTLFPNQ
GIAIGITNHHCLGDASTRFCFLKAWTSIARSGNNDESFLANGTRPLYDRIIKYPMLDEAYLKRAKVESFNEDYVTQSLAG
PSDKLRATFILTRAVINQLKDRVLAQLPTLEYVSSFTVACAYIWSCIAKSRNDKLQLFGFPIDRRARMKPPIPTAYFGNC
VGGCAAIAKTNLLIGKEGFITAAKLIGENLHKTLTDYKDGVLKDDMESFNDLVSEGMPTTMTWVSGTPKLRFYDMDFGWG
KPKKLETVSIDHNGAISINSCKESNEDLEIGVCISATQMEDFVHIFDDGLKAYL
;
_entity_poly.pdbx_strand_id   A,B
#
loop_
_chem_comp.id
_chem_comp.type
_chem_comp.name
_chem_comp.formula
MLC non-polymer 'MALONYL-COENZYME A' 'C24 H38 N7 O19 P3 S'
#
# COMPACT_ATOMS: atom_id res chain seq x y z
N ILE A 6 -22.13 7.32 -28.32
CA ILE A 6 -22.06 5.96 -28.98
C ILE A 6 -20.80 6.01 -29.86
N LEU A 7 -19.86 5.07 -29.85
CA LEU A 7 -19.82 3.63 -30.15
C LEU A 7 -20.75 2.77 -31.03
N THR A 8 -20.37 2.68 -32.30
CA THR A 8 -20.90 1.71 -33.25
C THR A 8 -19.78 0.75 -33.68
N VAL A 9 -19.99 -0.54 -33.50
CA VAL A 9 -19.01 -1.50 -33.97
C VAL A 9 -19.28 -1.81 -35.44
N LEU A 10 -18.29 -1.48 -36.28
CA LEU A 10 -18.37 -1.70 -37.72
C LEU A 10 -17.94 -3.12 -38.12
N GLU A 11 -16.87 -3.62 -37.51
CA GLU A 11 -16.41 -4.97 -37.80
C GLU A 11 -15.66 -5.55 -36.60
N GLN A 12 -15.95 -6.83 -36.31
CA GLN A 12 -15.18 -7.61 -35.35
C GLN A 12 -14.39 -8.62 -36.16
N SER A 13 -13.10 -8.36 -36.35
CA SER A 13 -12.28 -9.27 -37.12
C SER A 13 -11.22 -9.96 -36.28
N GLN A 14 -10.59 -10.95 -36.92
CA GLN A 14 -9.50 -11.68 -36.35
C GLN A 14 -8.36 -11.62 -37.36
N VAL A 15 -7.16 -11.28 -36.89
CA VAL A 15 -6.01 -11.10 -37.77
C VAL A 15 -4.89 -12.09 -37.39
N SER A 16 -4.45 -12.86 -38.38
CA SER A 16 -3.41 -13.87 -38.22
C SER A 16 -2.21 -13.54 -39.09
N PRO A 17 -1.04 -14.15 -38.81
CA PRO A 17 0.11 -14.02 -39.73
C PRO A 17 -0.25 -14.59 -41.11
N PRO A 18 0.51 -14.21 -42.16
CA PRO A 18 0.11 -14.66 -43.50
C PRO A 18 0.12 -16.20 -43.63
N PRO A 19 -0.63 -16.73 -44.60
CA PRO A 19 -0.67 -18.18 -44.82
C PRO A 19 0.75 -18.72 -45.11
N ASP A 20 1.07 -19.89 -44.60
CA ASP A 20 2.38 -20.54 -44.86
C ASP A 20 3.59 -19.69 -44.46
N THR A 21 3.56 -19.16 -43.25
CA THR A 21 4.69 -18.42 -42.71
C THR A 21 5.10 -19.05 -41.39
N LEU A 22 4.27 -18.85 -40.37
CA LEU A 22 4.58 -19.30 -39.02
C LEU A 22 4.09 -20.71 -38.72
N GLY A 23 4.99 -21.53 -38.18
CA GLY A 23 4.58 -22.79 -37.58
C GLY A 23 4.28 -22.58 -36.10
N ASP A 24 3.88 -23.66 -35.43
CA ASP A 24 3.70 -23.67 -33.99
C ASP A 24 4.99 -23.20 -33.29
N LYS A 25 4.88 -22.23 -32.38
CA LYS A 25 6.03 -21.69 -31.65
C LYS A 25 5.75 -21.40 -30.18
N SER A 26 6.72 -21.71 -29.32
CA SER A 26 6.68 -21.38 -27.89
C SER A 26 7.69 -20.29 -27.55
N LEU A 27 7.43 -19.62 -26.43
CA LEU A 27 8.41 -18.73 -25.80
C LEU A 27 8.44 -19.00 -24.32
N GLN A 28 9.60 -19.41 -23.85
CA GLN A 28 9.79 -19.64 -22.44
C GLN A 28 9.97 -18.29 -21.71
N LEU A 29 9.48 -18.22 -20.49
CA LEU A 29 9.40 -16.97 -19.73
C LEU A 29 10.38 -17.01 -18.56
N THR A 30 10.66 -15.84 -17.98
CA THR A 30 11.59 -15.72 -16.84
C THR A 30 10.86 -15.17 -15.64
N PHE A 31 11.55 -15.12 -14.50
CA PHE A 31 10.98 -14.51 -13.30
C PHE A 31 10.47 -13.09 -13.55
N PHE A 32 11.13 -12.36 -14.45
CA PHE A 32 10.75 -11.00 -14.82
C PHE A 32 9.33 -10.98 -15.41
N ASP A 33 8.99 -12.05 -16.13
CA ASP A 33 7.67 -12.20 -16.71
C ASP A 33 6.68 -12.77 -15.70
N PHE A 34 7.12 -13.76 -14.91
CA PHE A 34 6.25 -14.41 -13.92
C PHE A 34 5.72 -13.44 -12.87
N PHE A 35 6.50 -12.40 -12.59
CA PHE A 35 6.11 -11.33 -11.68
C PHE A 35 4.72 -10.75 -12.02
N TRP A 36 4.40 -10.71 -13.31
CA TRP A 36 3.20 -10.04 -13.81
C TRP A 36 2.02 -10.98 -14.05
N LEU A 37 2.15 -12.23 -13.61
CA LEU A 37 1.15 -13.26 -13.86
C LEU A 37 -0.29 -12.85 -13.55
N ARG A 38 -0.48 -12.16 -12.42
CA ARG A 38 -1.81 -11.75 -11.96
C ARG A 38 -2.12 -10.26 -12.18
N SER A 39 -1.40 -9.61 -13.07
CA SER A 39 -1.61 -8.18 -13.30
C SER A 39 -2.83 -7.85 -14.20
N PRO A 40 -3.42 -6.65 -14.03
CA PRO A 40 -4.50 -6.24 -14.90
C PRO A 40 -3.98 -5.81 -16.29
N PRO A 41 -4.87 -5.69 -17.30
CA PRO A 41 -4.36 -5.36 -18.64
C PRO A 41 -3.80 -3.94 -18.74
N ILE A 42 -2.91 -3.74 -19.70
CA ILE A 42 -2.43 -2.41 -20.03
C ILE A 42 -3.25 -1.89 -21.22
N ASN A 43 -3.81 -0.69 -21.09
CA ASN A 43 -4.66 -0.09 -22.10
C ASN A 43 -4.00 1.19 -22.56
N ASN A 44 -3.67 1.27 -23.84
CA ASN A 44 -3.07 2.45 -24.43
C ASN A 44 -3.83 2.95 -25.67
N LEU A 45 -3.95 4.27 -25.80
CA LEU A 45 -4.61 4.94 -26.95
C LEU A 45 -3.68 5.92 -27.65
N PHE A 46 -3.79 5.93 -28.97
CA PHE A 46 -3.08 6.85 -29.83
C PHE A 46 -4.16 7.52 -30.65
N PHE A 47 -4.28 8.84 -30.50
CA PHE A 47 -5.24 9.65 -31.27
C PHE A 47 -4.52 10.32 -32.44
N TYR A 48 -5.09 10.19 -33.64
CA TYR A 48 -4.60 10.87 -34.83
C TYR A 48 -5.66 11.82 -35.42
N GLU A 49 -5.23 13.01 -35.82
CA GLU A 49 -6.10 13.96 -36.51
C GLU A 49 -5.93 13.78 -38.02
N LEU A 50 -7.05 13.54 -38.70
CA LEU A 50 -7.10 13.48 -40.16
C LEU A 50 -8.57 13.47 -40.62
N PRO A 51 -8.92 14.28 -41.63
CA PRO A 51 -10.31 14.54 -42.04
C PRO A 51 -10.97 13.38 -42.83
N ILE A 52 -10.92 12.19 -42.25
CA ILE A 52 -11.27 10.90 -42.86
C ILE A 52 -12.79 10.58 -42.87
N THR A 53 -13.32 10.15 -44.02
CA THR A 53 -14.72 9.76 -44.14
C THR A 53 -14.89 8.28 -43.81
N ARG A 54 -16.14 7.88 -43.58
CA ARG A 54 -16.47 6.48 -43.35
C ARG A 54 -16.10 5.55 -44.52
N SER A 55 -16.47 5.96 -45.74
CA SER A 55 -16.15 5.16 -46.93
C SER A 55 -14.66 4.97 -47.09
N GLN A 56 -13.90 6.04 -46.90
CA GLN A 56 -12.45 5.93 -46.98
C GLN A 56 -11.89 5.04 -45.86
N PHE A 57 -12.43 5.16 -44.64
CA PHE A 57 -12.01 4.32 -43.50
C PHE A 57 -12.13 2.85 -43.88
N THR A 58 -13.33 2.49 -44.36
CA THR A 58 -13.63 1.13 -44.82
C THR A 58 -12.81 0.67 -46.02
N GLU A 59 -12.56 1.58 -46.96
CA GLU A 59 -11.89 1.23 -48.24
C GLU A 59 -10.38 1.03 -48.14
N THR A 60 -9.70 1.84 -47.35
CA THR A 60 -8.25 1.68 -47.23
C THR A 60 -7.72 1.48 -45.80
N VAL A 61 -8.24 2.20 -44.80
CA VAL A 61 -7.71 2.05 -43.43
C VAL A 61 -7.91 0.63 -42.88
N VAL A 62 -9.14 0.10 -42.97
CA VAL A 62 -9.42 -1.26 -42.46
C VAL A 62 -8.52 -2.34 -43.12
N PRO A 63 -8.52 -2.43 -44.47
CA PRO A 63 -7.59 -3.37 -45.12
C PRO A 63 -6.12 -3.16 -44.73
N ASN A 64 -5.69 -1.90 -44.64
CA ASN A 64 -4.29 -1.56 -44.32
C ASN A 64 -3.89 -1.98 -42.92
N ILE A 65 -4.80 -1.75 -41.95
CA ILE A 65 -4.57 -2.17 -40.57
C ILE A 65 -4.44 -3.68 -40.49
N LYS A 66 -5.41 -4.40 -41.06
CA LYS A 66 -5.38 -5.87 -41.14
C LYS A 66 -4.10 -6.39 -41.82
N HIS A 67 -3.78 -5.87 -42.99
CA HIS A 67 -2.63 -6.34 -43.76
C HIS A 67 -1.31 -6.05 -43.05
N SER A 68 -1.10 -4.80 -42.63
CA SER A 68 0.17 -4.44 -42.00
C SER A 68 0.38 -5.20 -40.69
N LEU A 69 -0.70 -5.42 -39.93
CA LEU A 69 -0.63 -6.17 -38.69
C LEU A 69 -0.31 -7.64 -38.94
N SER A 70 -1.04 -8.27 -39.87
CA SER A 70 -0.77 -9.64 -40.30
C SER A 70 0.72 -9.86 -40.59
N ILE A 71 1.29 -8.99 -41.42
CA ILE A 71 2.70 -9.08 -41.77
C ILE A 71 3.62 -8.93 -40.54
N THR A 72 3.35 -7.92 -39.71
CA THR A 72 4.12 -7.72 -38.46
C THR A 72 4.11 -8.95 -37.56
N LEU A 73 2.96 -9.60 -37.45
CA LEU A 73 2.83 -10.79 -36.59
C LEU A 73 3.77 -11.93 -36.95
N LYS A 74 4.08 -12.10 -38.23
CA LYS A 74 4.98 -13.18 -38.62
C LYS A 74 6.39 -12.98 -38.01
N HIS A 75 6.73 -11.74 -37.66
CA HIS A 75 8.00 -11.41 -37.01
C HIS A 75 7.90 -11.31 -35.48
N PHE A 76 6.66 -11.20 -34.98
CA PHE A 76 6.41 -11.01 -33.56
C PHE A 76 5.37 -12.01 -33.09
N TYR A 77 5.73 -13.29 -33.17
CA TYR A 77 4.81 -14.39 -32.86
C TYR A 77 4.14 -14.39 -31.47
N PRO A 78 4.87 -13.96 -30.40
CA PRO A 78 4.18 -13.94 -29.10
C PRO A 78 2.99 -12.96 -29.05
N PHE A 79 3.00 -11.91 -29.85
CA PHE A 79 1.83 -11.03 -29.92
C PHE A 79 0.51 -11.73 -30.37
N VAL A 80 0.64 -12.78 -31.17
CA VAL A 80 -0.53 -13.53 -31.65
C VAL A 80 -0.70 -14.84 -30.84
N GLY A 81 0.17 -15.02 -29.85
CA GLY A 81 0.15 -16.19 -29.00
C GLY A 81 -0.71 -15.99 -27.78
N LYS A 82 -0.71 -16.98 -26.90
CA LYS A 82 -1.45 -16.90 -25.64
C LYS A 82 -0.55 -17.23 -24.44
N LEU A 83 -0.85 -16.65 -23.28
CA LEU A 83 -0.20 -17.07 -22.03
C LEU A 83 -0.84 -18.36 -21.60
N VAL A 84 -0.04 -19.41 -21.45
CA VAL A 84 -0.58 -20.68 -21.00
C VAL A 84 -0.11 -20.98 -19.57
N VAL A 85 -1.06 -21.15 -18.67
CA VAL A 85 -0.74 -21.46 -17.27
C VAL A 85 -1.25 -22.83 -16.84
N TYR A 86 -0.32 -23.69 -16.40
CA TYR A 86 -0.66 -25.06 -15.97
C TYR A 86 -0.87 -25.17 -14.44
N PRO A 87 -1.72 -26.11 -14.01
CA PRO A 87 -2.03 -26.17 -12.58
C PRO A 87 -0.99 -26.90 -11.72
N ALA A 88 -0.14 -27.70 -12.36
CA ALA A 88 0.97 -28.36 -11.67
C ALA A 88 2.01 -27.30 -11.31
N PRO A 89 2.31 -27.14 -9.99
CA PRO A 89 3.18 -26.04 -9.52
C PRO A 89 4.58 -26.14 -10.14
N THR A 90 4.85 -27.31 -10.71
CA THR A 90 6.08 -27.61 -11.44
C THR A 90 6.12 -26.94 -12.81
N LYS A 91 5.27 -27.43 -13.73
CA LYS A 91 5.27 -26.98 -15.13
C LYS A 91 5.04 -25.47 -15.29
N LYS A 92 6.01 -24.80 -15.90
CA LYS A 92 6.06 -23.34 -15.93
C LYS A 92 5.16 -22.78 -17.02
N PRO A 93 4.45 -21.65 -16.72
CA PRO A 93 3.74 -20.91 -17.74
C PRO A 93 4.65 -20.54 -18.90
N GLU A 94 4.05 -20.40 -20.08
CA GLU A 94 4.80 -20.11 -21.29
C GLU A 94 3.88 -19.39 -22.26
N ILE A 95 4.45 -18.80 -23.28
CA ILE A 95 3.66 -18.23 -24.36
C ILE A 95 3.66 -19.23 -25.53
N CYS A 96 2.47 -19.65 -25.95
CA CYS A 96 2.31 -20.57 -27.07
C CYS A 96 1.54 -19.92 -28.20
N TYR A 97 2.11 -19.97 -29.41
CA TYR A 97 1.37 -19.71 -30.65
C TYR A 97 1.08 -21.04 -31.37
N VAL A 98 -0.18 -21.25 -31.74
CA VAL A 98 -0.58 -22.40 -32.57
C VAL A 98 -1.16 -21.89 -33.90
N GLU A 99 -0.85 -22.55 -35.01
CA GLU A 99 -1.48 -22.20 -36.30
C GLU A 99 -3.00 -22.17 -36.11
N GLY A 100 -3.63 -21.12 -36.62
CA GLY A 100 -5.03 -20.87 -36.32
C GLY A 100 -5.24 -19.73 -35.30
N ASP A 101 -4.22 -19.44 -34.48
CA ASP A 101 -4.32 -18.32 -33.52
C ASP A 101 -4.40 -16.99 -34.24
N SER A 102 -5.15 -16.07 -33.66
CA SER A 102 -5.35 -14.75 -34.24
C SER A 102 -5.44 -13.68 -33.16
N VAL A 103 -5.31 -12.42 -33.60
CA VAL A 103 -5.49 -11.23 -32.77
C VAL A 103 -6.87 -10.64 -33.07
N ALA A 104 -7.67 -10.46 -32.01
CA ALA A 104 -8.93 -9.77 -32.13
C ALA A 104 -8.66 -8.30 -32.47
N VAL A 105 -9.23 -7.84 -33.59
CA VAL A 105 -9.15 -6.46 -34.02
C VAL A 105 -10.55 -5.92 -34.31
N THR A 106 -10.97 -4.98 -33.48
CA THR A 106 -12.26 -4.35 -33.59
C THR A 106 -12.16 -3.04 -34.34
N PHE A 107 -13.05 -2.83 -35.31
CA PHE A 107 -13.14 -1.57 -36.01
C PHE A 107 -14.44 -0.92 -35.60
N ALA A 108 -14.37 0.35 -35.20
CA ALA A 108 -15.56 1.01 -34.69
C ALA A 108 -15.64 2.45 -35.14
N GLU A 109 -16.76 3.08 -34.81
CA GLU A 109 -17.01 4.46 -35.11
C GLU A 109 -17.59 5.12 -33.87
N CYS A 110 -17.06 6.29 -33.54
CA CYS A 110 -17.48 7.02 -32.35
C CYS A 110 -17.97 8.38 -32.78
N ASN A 111 -19.09 8.83 -32.22
CA ASN A 111 -19.66 10.11 -32.61
C ASN A 111 -19.36 11.26 -31.65
N LEU A 112 -18.47 11.01 -30.68
CA LEU A 112 -17.94 12.09 -29.84
C LEU A 112 -17.05 12.99 -30.67
N ASP A 113 -17.01 14.28 -30.31
CA ASP A 113 -16.07 15.23 -30.90
C ASP A 113 -14.65 14.86 -30.48
N LEU A 114 -13.80 14.59 -31.46
CA LEU A 114 -12.41 14.19 -31.21
C LEU A 114 -11.60 15.26 -30.46
N ASN A 115 -11.94 16.53 -30.69
CA ASN A 115 -11.27 17.64 -30.03
C ASN A 115 -11.51 17.69 -28.52
N GLU A 116 -12.65 17.16 -28.09
CA GLU A 116 -12.96 17.01 -26.66
C GLU A 116 -12.21 15.86 -25.98
N LEU A 117 -11.52 15.02 -26.75
CA LEU A 117 -10.78 13.88 -26.17
C LEU A 117 -9.28 14.09 -26.21
N THR A 118 -8.79 14.82 -27.21
CA THR A 118 -7.35 15.00 -27.41
C THR A 118 -6.77 16.23 -26.68
N GLY A 119 -7.61 17.00 -25.99
CA GLY A 119 -7.15 18.13 -25.17
C GLY A 119 -6.46 17.69 -23.89
N ASN A 120 -5.82 18.63 -23.19
CA ASN A 120 -5.14 18.34 -21.94
C ASN A 120 -5.95 18.61 -20.70
N HIS A 121 -6.99 19.41 -20.86
CA HIS A 121 -7.87 19.77 -19.75
C HIS A 121 -8.72 18.59 -19.25
N PRO A 122 -9.22 18.65 -18.00
CA PRO A 122 -10.04 17.57 -17.46
C PRO A 122 -11.20 17.12 -18.36
N ARG A 123 -11.21 15.83 -18.65
CA ARG A 123 -12.25 15.15 -19.44
C ARG A 123 -12.63 13.90 -18.68
N ASN A 124 -13.91 13.49 -18.75
CA ASN A 124 -14.38 12.25 -18.13
C ASN A 124 -13.56 11.02 -18.52
N CYS A 125 -12.99 10.36 -17.50
CA CYS A 125 -12.17 9.15 -17.68
C CYS A 125 -12.97 8.10 -18.46
N ASP A 126 -14.27 7.98 -18.20
CA ASP A 126 -15.04 6.91 -18.80
C ASP A 126 -15.41 7.08 -20.28
N LYS A 127 -15.18 8.27 -20.83
CA LYS A 127 -15.34 8.51 -22.28
C LYS A 127 -14.33 7.74 -23.13
N PHE A 128 -13.28 7.24 -22.48
CA PHE A 128 -12.17 6.55 -23.14
C PHE A 128 -12.31 5.04 -23.13
N TYR A 129 -13.13 4.49 -22.23
CA TYR A 129 -13.18 3.03 -22.07
C TYR A 129 -13.66 2.26 -23.29
N ASP A 130 -14.58 2.79 -24.06
CA ASP A 130 -14.98 1.97 -25.23
C ASP A 130 -14.16 2.27 -26.49
N LEU A 131 -13.04 2.98 -26.29
CA LEU A 131 -12.01 3.14 -27.29
C LEU A 131 -10.90 2.09 -27.12
N VAL A 132 -10.94 1.37 -26.02
CA VAL A 132 -9.93 0.34 -25.80
C VAL A 132 -10.56 -1.05 -25.77
N PRO A 133 -9.91 -2.01 -26.47
CA PRO A 133 -10.45 -3.36 -26.59
C PRO A 133 -10.29 -4.12 -25.28
N ILE A 134 -11.21 -5.05 -25.01
CA ILE A 134 -11.02 -6.01 -23.96
C ILE A 134 -9.84 -6.90 -24.36
N LEU A 135 -9.14 -7.42 -23.34
CA LEU A 135 -8.02 -8.30 -23.61
C LEU A 135 -8.51 -9.55 -24.34
N GLY A 136 -9.67 -10.05 -23.92
CA GLY A 136 -10.30 -11.20 -24.58
C GLY A 136 -10.49 -12.34 -23.58
N GLU A 137 -11.53 -13.13 -23.82
CA GLU A 137 -11.88 -14.30 -23.03
C GLU A 137 -10.74 -15.33 -22.97
N SER A 138 -10.52 -15.89 -21.78
CA SER A 138 -9.59 -16.99 -21.63
C SER A 138 -10.17 -18.29 -22.21
N THR A 139 -9.28 -19.20 -22.59
CA THR A 139 -9.70 -20.51 -23.04
C THR A 139 -9.31 -21.48 -21.95
N ARG A 140 -10.31 -22.15 -21.37
CA ARG A 140 -10.09 -23.09 -20.28
C ARG A 140 -10.16 -24.51 -20.78
N LEU A 141 -9.04 -25.21 -20.70
CA LEU A 141 -8.95 -26.60 -21.10
C LEU A 141 -8.81 -27.46 -19.86
N SER A 142 -8.69 -28.78 -20.06
CA SER A 142 -8.55 -29.68 -18.91
C SER A 142 -7.16 -29.52 -18.25
N ASP A 143 -6.11 -29.42 -19.07
CA ASP A 143 -4.75 -29.35 -18.56
C ASP A 143 -4.21 -27.91 -18.30
N CYS A 144 -4.98 -26.88 -18.67
CA CYS A 144 -4.48 -25.49 -18.67
C CYS A 144 -5.54 -24.41 -18.89
N ILE A 145 -5.16 -23.16 -18.61
CA ILE A 145 -5.89 -21.97 -19.05
C ILE A 145 -5.00 -21.17 -20.03
N LYS A 146 -5.61 -20.62 -21.07
CA LYS A 146 -4.90 -19.86 -22.10
C LYS A 146 -5.48 -18.46 -22.18
N ILE A 147 -4.62 -17.45 -22.03
CA ILE A 147 -5.05 -16.06 -21.94
C ILE A 147 -4.49 -15.26 -23.12
N PRO A 148 -5.36 -14.53 -23.85
CA PRO A 148 -4.88 -13.70 -24.95
C PRO A 148 -3.92 -12.61 -24.46
N LEU A 149 -2.94 -12.27 -25.29
CA LEU A 149 -1.86 -11.35 -24.89
C LEU A 149 -1.97 -9.92 -25.44
N PHE A 150 -2.77 -9.74 -26.49
CA PHE A 150 -2.74 -8.52 -27.30
C PHE A 150 -4.05 -8.41 -28.12
N SER A 151 -4.68 -7.24 -28.09
CA SER A 151 -5.89 -6.95 -28.87
C SER A 151 -5.87 -5.48 -29.31
N VAL A 152 -6.69 -5.15 -30.32
CA VAL A 152 -6.64 -3.84 -30.99
C VAL A 152 -8.04 -3.32 -31.29
N GLN A 153 -8.22 -2.01 -31.12
CA GLN A 153 -9.44 -1.35 -31.57
C GLN A 153 -9.04 -0.13 -32.35
N VAL A 154 -9.57 -0.04 -33.57
CA VAL A 154 -9.37 1.12 -34.41
C VAL A 154 -10.71 1.82 -34.51
N THR A 155 -10.77 3.06 -34.02
CA THR A 155 -12.05 3.78 -34.00
C THR A 155 -12.03 5.01 -34.90
N LEU A 156 -13.03 5.11 -35.77
CA LEU A 156 -13.22 6.27 -36.62
C LEU A 156 -14.02 7.36 -35.93
N PHE A 157 -13.49 8.57 -35.98
CA PHE A 157 -14.21 9.80 -35.63
C PHE A 157 -14.50 10.52 -36.94
N PRO A 158 -15.69 10.28 -37.52
CA PRO A 158 -15.95 10.74 -38.89
C PRO A 158 -15.56 12.18 -39.18
N ASN A 159 -14.72 12.37 -40.20
CA ASN A 159 -14.29 13.68 -40.63
C ASN A 159 -13.29 14.33 -39.68
N GLN A 160 -12.86 13.59 -38.68
CA GLN A 160 -11.99 14.15 -37.64
C GLN A 160 -10.69 13.38 -37.42
N GLY A 161 -10.78 12.06 -37.33
CA GLY A 161 -9.58 11.27 -37.12
C GLY A 161 -9.81 9.84 -36.69
N ILE A 162 -8.76 9.25 -36.16
CA ILE A 162 -8.73 7.83 -35.82
C ILE A 162 -8.06 7.63 -34.44
N ALA A 163 -8.65 6.77 -33.60
CA ALA A 163 -7.95 6.31 -32.40
C ALA A 163 -7.52 4.86 -32.56
N ILE A 164 -6.27 4.58 -32.21
CA ILE A 164 -5.84 3.20 -32.09
C ILE A 164 -5.72 2.83 -30.62
N GLY A 165 -6.53 1.86 -30.22
CA GLY A 165 -6.59 1.32 -28.87
C GLY A 165 -5.85 -0.01 -28.84
N ILE A 166 -4.86 -0.13 -27.96
CA ILE A 166 -4.04 -1.32 -27.86
C ILE A 166 -4.10 -1.81 -26.42
N THR A 167 -4.49 -3.08 -26.26
CA THR A 167 -4.53 -3.68 -24.95
C THR A 167 -3.57 -4.86 -24.93
N ASN A 168 -2.79 -4.99 -23.87
CA ASN A 168 -1.93 -6.16 -23.73
C ASN A 168 -1.80 -6.69 -22.30
N HIS A 169 -1.41 -7.96 -22.20
CA HIS A 169 -1.06 -8.56 -20.93
C HIS A 169 0.41 -8.23 -20.67
N HIS A 170 0.74 -7.82 -19.45
CA HIS A 170 2.14 -7.49 -19.11
C HIS A 170 3.13 -8.66 -19.27
N CYS A 171 2.63 -9.89 -19.13
CA CYS A 171 3.47 -11.07 -19.36
C CYS A 171 4.06 -11.13 -20.75
N LEU A 172 3.40 -10.46 -21.71
CA LEU A 172 3.88 -10.38 -23.09
C LEU A 172 5.25 -9.69 -23.16
N GLY A 173 5.39 -8.60 -22.41
CA GLY A 173 6.62 -7.85 -22.39
C GLY A 173 6.42 -6.47 -21.80
N ASP A 174 7.53 -5.75 -21.67
CA ASP A 174 7.54 -4.42 -21.05
C ASP A 174 7.34 -3.32 -22.11
N ALA A 175 7.47 -2.07 -21.71
CA ALA A 175 7.29 -0.96 -22.62
C ALA A 175 8.27 -0.99 -23.82
N SER A 176 9.50 -1.48 -23.59
CA SER A 176 10.51 -1.65 -24.64
C SER A 176 10.08 -2.66 -25.71
N THR A 177 9.52 -3.77 -25.26
CA THR A 177 8.95 -4.78 -26.14
C THR A 177 7.80 -4.21 -27.01
N ARG A 178 6.91 -3.46 -26.37
CA ARG A 178 5.80 -2.83 -27.07
C ARG A 178 6.30 -1.82 -28.08
N PHE A 179 7.33 -1.07 -27.69
CA PHE A 179 7.98 -0.10 -28.55
C PHE A 179 8.55 -0.73 -29.83
N CYS A 180 9.30 -1.81 -29.64
CA CYS A 180 9.89 -2.60 -30.73
C CYS A 180 8.82 -3.13 -31.70
N PHE A 181 7.75 -3.72 -31.16
CA PHE A 181 6.62 -4.17 -31.99
C PHE A 181 5.97 -3.02 -32.76
N LEU A 182 5.73 -1.89 -32.09
CA LEU A 182 5.04 -0.77 -32.71
C LEU A 182 5.89 -0.09 -33.79
N LYS A 183 7.20 0.01 -33.54
CA LYS A 183 8.18 0.47 -34.55
C LYS A 183 8.05 -0.34 -35.84
N ALA A 184 8.02 -1.66 -35.70
CA ALA A 184 7.95 -2.58 -36.84
C ALA A 184 6.62 -2.48 -37.57
N TRP A 185 5.54 -2.49 -36.80
CA TRP A 185 4.20 -2.42 -37.35
C TRP A 185 3.99 -1.14 -38.16
N THR A 186 4.35 0.00 -37.58
CA THR A 186 4.23 1.28 -38.27
C THR A 186 5.12 1.41 -39.51
N SER A 187 6.36 0.91 -39.43
CA SER A 187 7.26 0.84 -40.60
C SER A 187 6.63 0.00 -41.72
N ILE A 188 6.01 -1.10 -41.35
CA ILE A 188 5.40 -2.01 -42.31
C ILE A 188 4.16 -1.35 -42.93
N ALA A 189 3.37 -0.65 -42.10
CA ALA A 189 2.20 0.08 -42.54
C ALA A 189 2.55 1.26 -43.45
N ARG A 190 3.54 2.06 -43.04
CA ARG A 190 3.93 3.28 -43.77
C ARG A 190 4.50 2.97 -45.14
N SER A 191 5.13 1.82 -45.30
CA SER A 191 5.74 1.50 -46.58
C SER A 191 4.83 0.64 -47.47
N GLY A 192 3.53 0.73 -47.25
CA GLY A 192 2.54 0.09 -48.11
C GLY A 192 2.28 -1.37 -47.82
N ASN A 193 2.35 -1.76 -46.54
CA ASN A 193 2.12 -3.15 -46.12
C ASN A 193 3.21 -4.06 -46.62
N ASN A 194 4.44 -3.61 -46.35
CA ASN A 194 5.63 -4.21 -46.86
C ASN A 194 6.70 -4.20 -45.76
N ASP A 195 7.26 -5.37 -45.46
CA ASP A 195 8.29 -5.53 -44.42
C ASP A 195 9.76 -5.44 -44.86
N GLU A 196 10.01 -5.10 -46.14
CA GLU A 196 11.41 -5.11 -46.63
C GLU A 196 12.27 -4.05 -45.98
N SER A 197 11.71 -2.87 -45.75
CA SER A 197 12.44 -1.81 -45.04
C SER A 197 12.71 -2.19 -43.59
N PHE A 198 11.78 -2.90 -42.96
CA PHE A 198 11.95 -3.37 -41.58
C PHE A 198 13.02 -4.44 -41.49
N LEU A 199 13.00 -5.39 -42.44
CA LEU A 199 13.99 -6.47 -42.48
C LEU A 199 15.40 -5.99 -42.81
N ALA A 200 15.50 -4.91 -43.58
CA ALA A 200 16.78 -4.34 -43.97
C ALA A 200 17.34 -3.37 -42.92
N ASN A 201 16.48 -2.48 -42.43
CA ASN A 201 16.90 -1.38 -41.55
C ASN A 201 16.38 -1.48 -40.10
N GLY A 202 15.31 -2.24 -39.89
CA GLY A 202 14.65 -2.28 -38.57
C GLY A 202 15.36 -3.10 -37.50
N THR A 203 14.81 -3.08 -36.29
CA THR A 203 15.35 -3.85 -35.18
C THR A 203 14.47 -5.07 -34.90
N ARG A 204 15.00 -6.24 -35.22
CA ARG A 204 14.28 -7.49 -35.02
C ARG A 204 14.34 -7.93 -33.57
N PRO A 205 13.24 -8.50 -33.04
CA PRO A 205 13.24 -8.93 -31.64
C PRO A 205 14.17 -10.12 -31.40
N LEU A 206 14.79 -10.14 -30.22
CA LEU A 206 15.69 -11.19 -29.81
C LEU A 206 14.99 -12.19 -28.88
N TYR A 207 14.69 -13.37 -29.42
CA TYR A 207 13.98 -14.41 -28.67
C TYR A 207 14.91 -15.37 -27.91
N ASP A 208 16.21 -15.20 -28.06
CA ASP A 208 17.16 -16.00 -27.28
C ASP A 208 16.85 -15.85 -25.78
N ARG A 209 16.74 -16.97 -25.08
CA ARG A 209 16.49 -16.92 -23.63
C ARG A 209 17.81 -16.67 -22.87
N ILE A 210 18.24 -15.42 -22.83
CA ILE A 210 19.57 -15.07 -22.32
C ILE A 210 19.59 -14.66 -20.83
N ILE A 211 18.41 -14.68 -20.22
CA ILE A 211 18.24 -14.41 -18.81
C ILE A 211 17.91 -15.77 -18.18
N LYS A 212 18.90 -16.32 -17.49
CA LYS A 212 18.83 -17.68 -16.95
C LYS A 212 19.02 -17.68 -15.43
N TYR A 213 17.93 -17.54 -14.69
CA TYR A 213 17.97 -17.60 -13.23
C TYR A 213 16.84 -18.49 -12.74
N PRO A 214 16.97 -19.82 -12.95
CA PRO A 214 15.89 -20.73 -12.62
C PRO A 214 15.50 -20.79 -11.16
N MET A 215 16.39 -20.44 -10.25
CA MET A 215 16.01 -20.43 -8.83
C MET A 215 15.04 -19.28 -8.56
N LEU A 216 15.33 -18.10 -9.11
CA LEU A 216 14.41 -16.98 -9.07
C LEU A 216 13.11 -17.28 -9.81
N ASP A 217 13.23 -17.98 -10.95
CA ASP A 217 12.06 -18.42 -11.73
C ASP A 217 11.05 -19.12 -10.83
N GLU A 218 11.50 -20.13 -10.08
CA GLU A 218 10.59 -20.90 -9.22
C GLU A 218 10.09 -20.12 -8.01
N ALA A 219 10.89 -19.19 -7.50
CA ALA A 219 10.50 -18.39 -6.35
C ALA A 219 9.39 -17.40 -6.73
N TYR A 220 9.53 -16.75 -7.88
CA TYR A 220 8.51 -15.82 -8.36
C TYR A 220 7.25 -16.58 -8.79
N LEU A 221 7.41 -17.77 -9.36
CA LEU A 221 6.27 -18.62 -9.71
C LEU A 221 5.53 -19.10 -8.48
N LYS A 222 6.29 -19.64 -7.51
CA LYS A 222 5.72 -20.01 -6.22
C LYS A 222 4.91 -18.85 -5.64
N ARG A 223 5.44 -17.63 -5.75
CA ARG A 223 4.78 -16.43 -5.23
C ARG A 223 3.53 -16.03 -6.04
N ALA A 224 3.48 -16.47 -7.30
CA ALA A 224 2.35 -16.13 -8.18
C ALA A 224 1.15 -17.04 -7.94
N LYS A 225 1.33 -18.09 -7.12
CA LYS A 225 0.28 -19.03 -6.73
C LYS A 225 -0.37 -19.62 -7.98
N VAL A 226 0.35 -20.53 -8.64
CA VAL A 226 -0.01 -21.01 -9.97
C VAL A 226 -1.07 -22.09 -9.89
N GLU A 227 -1.07 -22.81 -8.77
CA GLU A 227 -2.00 -23.91 -8.52
C GLU A 227 -3.43 -23.41 -8.32
N SER A 228 -3.56 -22.15 -7.91
CA SER A 228 -4.87 -21.53 -7.77
C SER A 228 -5.19 -20.50 -8.88
N PHE A 229 -4.22 -20.23 -9.75
CA PHE A 229 -4.39 -19.25 -10.84
C PHE A 229 -5.63 -19.50 -11.71
N ASN A 230 -5.74 -20.72 -12.22
CA ASN A 230 -6.89 -21.23 -12.95
C ASN A 230 -8.23 -20.87 -12.31
N GLU A 231 -8.35 -21.16 -11.02
CA GLU A 231 -9.57 -20.91 -10.24
C GLU A 231 -9.78 -19.43 -9.89
N ASP A 232 -8.67 -18.68 -9.82
CA ASP A 232 -8.68 -17.27 -9.41
C ASP A 232 -8.82 -16.28 -10.57
N TYR A 233 -8.33 -16.63 -11.74
CA TYR A 233 -8.28 -15.68 -12.86
C TYR A 233 -9.65 -15.18 -13.29
N VAL A 234 -9.77 -13.86 -13.39
CA VAL A 234 -10.99 -13.21 -13.86
C VAL A 234 -10.62 -12.03 -14.76
N THR A 235 -11.42 -11.78 -15.79
CA THR A 235 -11.24 -10.63 -16.68
C THR A 235 -11.37 -9.29 -15.94
N GLN A 236 -10.60 -8.29 -16.36
CA GLN A 236 -10.48 -7.02 -15.63
C GLN A 236 -10.65 -5.78 -16.50
N SER A 237 -11.73 -5.74 -17.29
CA SER A 237 -11.96 -4.64 -18.22
C SER A 237 -12.52 -3.41 -17.51
N LEU A 238 -12.02 -2.23 -17.89
CA LEU A 238 -12.56 -0.97 -17.35
C LEU A 238 -13.89 -0.67 -18.04
N ALA A 239 -14.87 -0.28 -17.23
CA ALA A 239 -16.21 0.05 -17.72
C ALA A 239 -16.81 1.21 -16.90
N GLY A 240 -17.59 2.07 -17.55
CA GLY A 240 -18.23 3.17 -16.85
C GLY A 240 -19.45 2.70 -16.05
N PRO A 241 -20.22 3.66 -15.49
CA PRO A 241 -19.93 5.10 -15.49
C PRO A 241 -19.08 5.51 -14.27
N SER A 242 -18.44 6.68 -14.35
CA SER A 242 -17.58 7.17 -13.28
C SER A 242 -17.57 8.68 -13.26
N ASP A 243 -17.30 9.27 -12.08
CA ASP A 243 -17.14 10.73 -11.96
C ASP A 243 -15.69 11.20 -12.11
N LYS A 244 -14.77 10.26 -12.35
CA LYS A 244 -13.35 10.57 -12.43
C LYS A 244 -13.01 11.38 -13.68
N LEU A 245 -12.05 12.28 -13.54
CA LEU A 245 -11.62 13.14 -14.63
C LEU A 245 -10.17 12.86 -14.96
N ARG A 246 -9.86 12.97 -16.25
CA ARG A 246 -8.54 12.72 -16.78
C ARG A 246 -7.94 14.03 -17.25
N ALA A 247 -6.71 14.33 -16.82
CA ALA A 247 -6.05 15.56 -17.26
C ALA A 247 -4.58 15.31 -17.54
N THR A 248 -4.01 16.11 -18.42
CA THR A 248 -2.58 16.01 -18.75
C THR A 248 -1.91 17.29 -18.27
N PHE A 249 -0.84 17.15 -17.50
CA PHE A 249 -0.08 18.29 -16.98
C PHE A 249 1.28 18.38 -17.65
N ILE A 250 1.69 19.58 -18.04
CA ILE A 250 2.90 19.72 -18.84
C ILE A 250 4.03 20.33 -18.00
N LEU A 251 5.17 19.65 -17.94
CA LEU A 251 6.41 20.25 -17.45
C LEU A 251 7.34 20.57 -18.62
N THR A 252 7.41 21.83 -19.00
CA THR A 252 8.26 22.28 -20.09
C THR A 252 9.73 22.08 -19.69
N ARG A 253 10.64 21.98 -20.67
CA ARG A 253 12.05 21.82 -20.36
C ARG A 253 12.61 22.95 -19.49
N ALA A 254 12.12 24.16 -19.73
CA ALA A 254 12.56 25.36 -18.99
C ALA A 254 12.15 25.27 -17.51
N VAL A 255 10.93 24.79 -17.26
CA VAL A 255 10.50 24.53 -15.89
C VAL A 255 11.31 23.39 -15.22
N ILE A 256 11.47 22.27 -15.93
CA ILE A 256 12.29 21.15 -15.43
C ILE A 256 13.71 21.60 -15.05
N ASN A 257 14.37 22.34 -15.93
CA ASN A 257 15.73 22.81 -15.67
C ASN A 257 15.82 23.72 -14.44
N GLN A 258 14.83 24.58 -14.27
CA GLN A 258 14.79 25.43 -13.09
C GLN A 258 14.52 24.62 -11.82
N LEU A 259 13.77 23.54 -11.95
CA LEU A 259 13.54 22.65 -10.82
C LEU A 259 14.81 21.87 -10.48
N LYS A 260 15.52 21.36 -11.47
CA LYS A 260 16.81 20.70 -11.25
C LYS A 260 17.79 21.61 -10.49
N ASP A 261 17.83 22.87 -10.90
CA ASP A 261 18.79 23.86 -10.37
C ASP A 261 18.55 24.16 -8.91
N ARG A 262 17.27 24.32 -8.56
CA ARG A 262 16.83 24.48 -7.19
C ARG A 262 17.20 23.27 -6.30
N VAL A 263 17.05 22.06 -6.84
CA VAL A 263 17.49 20.86 -6.11
C VAL A 263 19.01 20.83 -5.93
N LEU A 264 19.75 21.14 -6.98
CA LEU A 264 21.22 21.06 -6.92
C LEU A 264 21.84 22.16 -6.04
N ALA A 265 21.17 23.30 -5.92
CA ALA A 265 21.59 24.41 -5.08
C ALA A 265 21.33 24.08 -3.60
N GLN A 266 20.10 23.71 -3.27
CA GLN A 266 19.72 23.35 -1.91
C GLN A 266 20.37 22.06 -1.37
N LEU A 267 20.64 21.10 -2.25
CA LEU A 267 21.18 19.81 -1.86
C LEU A 267 22.37 19.46 -2.74
N PRO A 268 23.52 20.14 -2.50
CA PRO A 268 24.66 20.05 -3.43
C PRO A 268 25.37 18.71 -3.46
N THR A 269 25.07 17.82 -2.52
CA THR A 269 25.72 16.50 -2.48
C THR A 269 24.72 15.34 -2.74
N LEU A 270 23.50 15.67 -3.18
CA LEU A 270 22.54 14.64 -3.58
C LEU A 270 23.13 13.85 -4.74
N GLU A 271 23.25 12.54 -4.58
CA GLU A 271 23.96 11.72 -5.56
C GLU A 271 23.23 11.44 -6.88
N TYR A 272 21.93 11.69 -6.93
CA TYR A 272 21.19 11.47 -8.18
C TYR A 272 20.10 12.53 -8.38
N VAL A 273 20.24 13.29 -9.45
CA VAL A 273 19.24 14.28 -9.87
C VAL A 273 19.09 14.21 -11.39
N SER A 274 17.86 13.99 -11.87
CA SER A 274 17.59 13.99 -13.31
C SER A 274 16.28 14.70 -13.58
N SER A 275 16.01 14.98 -14.86
CA SER A 275 14.75 15.55 -15.28
C SER A 275 13.60 14.69 -14.77
N PHE A 276 13.81 13.38 -14.82
CA PHE A 276 12.83 12.41 -14.36
C PHE A 276 12.55 12.48 -12.85
N THR A 277 13.60 12.42 -12.04
CA THR A 277 13.43 12.45 -10.58
C THR A 277 12.78 13.75 -10.12
N VAL A 278 13.21 14.84 -10.72
CA VAL A 278 12.64 16.16 -10.46
C VAL A 278 11.15 16.27 -10.88
N ALA A 279 10.80 15.71 -12.04
CA ALA A 279 9.39 15.60 -12.44
C ALA A 279 8.56 14.78 -11.44
N CYS A 280 9.08 13.62 -11.05
CA CYS A 280 8.41 12.76 -10.07
C CYS A 280 8.24 13.48 -8.72
N ALA A 281 9.30 14.19 -8.29
CA ALA A 281 9.28 14.94 -7.03
C ALA A 281 8.23 16.02 -7.06
N TYR A 282 8.14 16.77 -8.15
CA TYR A 282 7.14 17.81 -8.27
C TYR A 282 5.72 17.23 -8.23
N ILE A 283 5.47 16.17 -9.02
CA ILE A 283 4.10 15.61 -9.02
C ILE A 283 3.70 15.00 -7.66
N TRP A 284 4.65 14.30 -7.07
CA TRP A 284 4.59 13.70 -5.76
C TRP A 284 4.17 14.76 -4.72
N SER A 285 4.87 15.89 -4.71
CA SER A 285 4.54 17.04 -3.88
C SER A 285 3.09 17.55 -4.10
N CYS A 286 2.66 17.58 -5.37
CA CYS A 286 1.29 18.00 -5.71
C CYS A 286 0.26 17.01 -5.17
N ILE A 287 0.56 15.73 -5.31
CA ILE A 287 -0.30 14.66 -4.81
C ILE A 287 -0.43 14.73 -3.27
N ALA A 288 0.69 14.99 -2.59
CA ALA A 288 0.70 15.17 -1.14
C ALA A 288 -0.23 16.32 -0.71
N LYS A 289 -0.09 17.47 -1.35
CA LYS A 289 -0.91 18.66 -1.05
C LYS A 289 -2.40 18.40 -1.36
N SER A 290 -2.67 17.72 -2.47
CA SER A 290 -4.02 17.35 -2.87
C SER A 290 -4.70 16.38 -1.89
N ARG A 291 -3.96 15.38 -1.44
CA ARG A 291 -4.50 14.35 -0.57
C ARG A 291 -4.59 14.80 0.87
N ASN A 292 -3.56 15.49 1.36
CA ASN A 292 -3.50 15.99 2.73
C ASN A 292 -3.75 14.82 3.68
N ASP A 293 -3.11 13.70 3.38
CA ASP A 293 -3.31 12.49 4.16
C ASP A 293 -2.20 12.33 5.19
N LYS A 294 -1.79 11.09 5.44
CA LYS A 294 -0.82 10.80 6.52
C LYS A 294 0.56 10.35 6.04
N LEU A 295 0.57 9.36 5.15
CA LEU A 295 1.81 8.70 4.80
C LEU A 295 1.74 8.21 3.36
N GLN A 296 2.76 8.51 2.58
CA GLN A 296 2.68 8.23 1.16
C GLN A 296 3.86 7.40 0.64
N LEU A 297 3.55 6.48 -0.27
CA LEU A 297 4.58 5.80 -1.08
C LEU A 297 4.45 6.24 -2.53
N PHE A 298 5.59 6.50 -3.16
CA PHE A 298 5.68 6.87 -4.56
C PHE A 298 6.78 6.01 -5.17
N GLY A 299 6.47 5.35 -6.28
CA GLY A 299 7.43 4.45 -6.94
C GLY A 299 7.31 4.40 -8.48
N PHE A 300 8.30 3.77 -9.11
CA PHE A 300 8.37 3.70 -10.56
C PHE A 300 9.16 2.48 -11.01
N PRO A 301 8.86 1.95 -12.21
CA PRO A 301 9.63 0.87 -12.78
C PRO A 301 10.95 1.31 -13.40
N ILE A 302 11.88 0.35 -13.48
CA ILE A 302 13.21 0.58 -13.99
C ILE A 302 13.48 -0.46 -15.09
N ASP A 303 13.84 -0.01 -16.30
CA ASP A 303 14.31 -0.92 -17.35
C ASP A 303 15.69 -1.39 -16.93
N ARG A 304 15.82 -2.68 -16.67
CA ARG A 304 17.10 -3.19 -16.18
C ARG A 304 18.04 -3.72 -17.29
N ARG A 305 17.60 -3.72 -18.55
CA ARG A 305 18.40 -4.30 -19.66
C ARG A 305 19.86 -3.85 -19.62
N ALA A 306 20.07 -2.55 -19.64
CA ALA A 306 21.41 -1.97 -19.63
C ALA A 306 22.14 -2.09 -18.27
N ARG A 307 21.41 -2.46 -17.23
CA ARG A 307 22.01 -2.53 -15.90
C ARG A 307 22.32 -3.95 -15.49
N MET A 308 21.94 -4.92 -16.32
CA MET A 308 22.27 -6.31 -16.10
C MET A 308 23.77 -6.55 -16.25
N LYS A 309 24.25 -7.60 -15.60
CA LYS A 309 25.66 -7.98 -15.71
C LYS A 309 25.80 -9.40 -16.28
N PRO A 310 26.11 -9.52 -17.59
CA PRO A 310 26.36 -8.50 -18.62
C PRO A 310 25.07 -7.84 -19.14
N PRO A 311 25.18 -6.68 -19.80
CA PRO A 311 23.97 -5.98 -20.26
C PRO A 311 23.15 -6.81 -21.27
N ILE A 312 21.85 -6.59 -21.26
CA ILE A 312 20.90 -7.25 -22.14
C ILE A 312 20.61 -6.30 -23.29
N PRO A 313 20.63 -6.82 -24.55
CA PRO A 313 20.25 -6.03 -25.73
C PRO A 313 18.87 -5.38 -25.58
N THR A 314 18.72 -4.16 -26.09
CA THR A 314 17.43 -3.47 -26.13
C THR A 314 16.36 -4.35 -26.82
N ALA A 315 16.77 -5.07 -27.86
CA ALA A 315 15.85 -5.86 -28.65
C ALA A 315 15.41 -7.17 -27.99
N TYR A 316 15.99 -7.51 -26.84
CA TYR A 316 15.55 -8.68 -26.06
C TYR A 316 14.03 -8.61 -25.88
N PHE A 317 13.37 -9.69 -26.25
CA PHE A 317 11.93 -9.78 -26.20
C PHE A 317 11.42 -10.28 -24.83
N GLY A 318 10.57 -9.48 -24.21
CA GLY A 318 9.91 -9.87 -22.96
C GLY A 318 10.12 -8.81 -21.88
N ASN A 319 9.90 -9.19 -20.62
CA ASN A 319 10.12 -8.26 -19.51
C ASN A 319 11.54 -8.30 -18.98
N CYS A 320 12.04 -7.12 -18.65
CA CYS A 320 13.25 -6.99 -17.86
C CYS A 320 13.10 -5.71 -17.03
N VAL A 321 12.20 -5.74 -16.04
CA VAL A 321 11.81 -4.56 -15.29
C VAL A 321 12.07 -4.71 -13.80
N GLY A 322 12.59 -3.66 -13.19
CA GLY A 322 12.68 -3.57 -11.74
C GLY A 322 11.89 -2.37 -11.25
N GLY A 323 12.11 -2.02 -10.00
CA GLY A 323 11.34 -0.96 -9.38
C GLY A 323 12.09 -0.24 -8.28
N CYS A 324 11.60 0.93 -7.93
CA CYS A 324 12.18 1.77 -6.89
C CYS A 324 11.04 2.55 -6.25
N ALA A 325 11.04 2.61 -4.93
CA ALA A 325 10.00 3.30 -4.17
C ALA A 325 10.59 4.15 -3.08
N ALA A 326 9.86 5.21 -2.72
CA ALA A 326 10.14 6.01 -1.53
C ALA A 326 8.86 6.21 -0.72
N ILE A 327 9.02 6.33 0.59
CA ILE A 327 7.92 6.54 1.52
C ILE A 327 8.23 7.79 2.33
N ALA A 328 7.24 8.61 2.56
CA ALA A 328 7.44 9.79 3.35
C ALA A 328 6.13 10.23 3.95
N LYS A 329 6.20 10.79 5.16
CA LYS A 329 5.08 11.49 5.76
C LYS A 329 4.63 12.60 4.83
N THR A 330 3.32 12.70 4.65
CA THR A 330 2.70 13.71 3.81
C THR A 330 3.09 15.16 4.15
N ASN A 331 3.16 15.47 5.46
CA ASN A 331 3.54 16.83 5.89
C ASN A 331 4.96 17.21 5.46
N LEU A 332 5.82 16.23 5.25
CA LEU A 332 7.17 16.49 4.78
C LEU A 332 7.26 16.72 3.27
N LEU A 333 6.16 16.49 2.56
CA LEU A 333 6.17 16.55 1.09
C LEU A 333 5.46 17.75 0.51
N ILE A 334 4.81 18.53 1.37
CA ILE A 334 4.03 19.69 0.93
C ILE A 334 4.89 20.94 0.73
N GLY A 335 4.63 21.70 -0.34
CA GLY A 335 5.22 23.02 -0.57
C GLY A 335 6.56 23.03 -1.27
N LYS A 336 7.21 24.19 -1.27
CA LYS A 336 8.52 24.31 -1.94
C LYS A 336 9.58 23.45 -1.30
N GLU A 337 9.56 23.35 0.04
CA GLU A 337 10.48 22.48 0.77
C GLU A 337 10.11 21.02 0.61
N GLY A 338 8.82 20.77 0.46
CA GLY A 338 8.34 19.40 0.22
C GLY A 338 8.84 18.84 -1.10
N PHE A 339 8.81 19.67 -2.13
CA PHE A 339 9.37 19.28 -3.43
C PHE A 339 10.84 18.88 -3.30
N ILE A 340 11.59 19.66 -2.51
CA ILE A 340 13.02 19.41 -2.25
C ILE A 340 13.23 18.08 -1.55
N THR A 341 12.43 17.84 -0.52
CA THR A 341 12.48 16.57 0.21
C THR A 341 12.13 15.38 -0.69
N ALA A 342 11.10 15.54 -1.52
CA ALA A 342 10.71 14.47 -2.44
C ALA A 342 11.85 14.13 -3.42
N ALA A 343 12.56 15.15 -3.88
CA ALA A 343 13.65 14.93 -4.82
C ALA A 343 14.79 14.20 -4.11
N LYS A 344 15.05 14.59 -2.86
CA LYS A 344 16.07 13.95 -2.04
C LYS A 344 15.77 12.45 -1.88
N LEU A 345 14.54 12.15 -1.48
CA LEU A 345 14.16 10.77 -1.20
C LEU A 345 14.15 9.91 -2.44
N ILE A 346 13.60 10.42 -3.54
CA ILE A 346 13.64 9.70 -4.82
C ILE A 346 15.08 9.48 -5.31
N GLY A 347 15.87 10.55 -5.31
CA GLY A 347 17.27 10.49 -5.71
C GLY A 347 18.08 9.49 -4.91
N GLU A 348 17.92 9.51 -3.58
CA GLU A 348 18.63 8.58 -2.71
C GLU A 348 18.20 7.13 -2.95
N ASN A 349 16.89 6.89 -3.01
CA ASN A 349 16.40 5.52 -3.22
C ASN A 349 16.83 4.98 -4.59
N LEU A 350 16.73 5.80 -5.63
CA LEU A 350 17.14 5.39 -6.96
C LEU A 350 18.64 5.09 -7.03
N HIS A 351 19.45 5.99 -6.48
CA HIS A 351 20.90 5.74 -6.42
C HIS A 351 21.21 4.42 -5.74
N LYS A 352 20.59 4.16 -4.59
CA LYS A 352 20.75 2.89 -3.88
C LYS A 352 20.38 1.66 -4.74
N THR A 353 19.22 1.73 -5.41
CA THR A 353 18.75 0.64 -6.27
C THR A 353 19.72 0.38 -7.43
N LEU A 354 20.15 1.42 -8.11
CA LEU A 354 21.13 1.28 -9.21
C LEU A 354 22.49 0.72 -8.77
N THR A 355 22.95 1.08 -7.56
CA THR A 355 24.18 0.53 -7.00
C THR A 355 24.03 -0.95 -6.70
N ASP A 356 22.89 -1.32 -6.11
CA ASP A 356 22.61 -2.71 -5.82
C ASP A 356 22.57 -3.57 -7.10
N TYR A 357 22.05 -3.02 -8.21
CA TYR A 357 22.11 -3.72 -9.52
C TYR A 357 23.55 -3.87 -9.98
N LYS A 358 24.30 -2.78 -9.85
CA LYS A 358 25.69 -2.69 -10.27
C LYS A 358 26.51 -3.78 -9.59
N ASP A 359 26.18 -4.05 -8.32
CA ASP A 359 26.90 -5.03 -7.51
C ASP A 359 26.19 -6.39 -7.45
N GLY A 360 25.49 -6.74 -8.53
CA GLY A 360 24.89 -8.08 -8.69
C GLY A 360 23.45 -8.34 -8.27
N VAL A 361 23.00 -7.69 -7.19
CA VAL A 361 21.69 -7.97 -6.56
C VAL A 361 20.54 -8.08 -7.58
N LEU A 362 19.76 -9.17 -7.47
CA LEU A 362 18.75 -9.52 -8.47
C LEU A 362 17.29 -9.32 -8.04
N LYS A 363 17.02 -9.44 -6.75
CA LYS A 363 15.67 -9.27 -6.21
C LYS A 363 15.42 -7.82 -5.77
N ASP A 364 14.16 -7.38 -5.88
CA ASP A 364 13.75 -6.02 -5.49
C ASP A 364 14.57 -4.95 -6.21
N ASN A 370 4.86 -7.57 3.27
CA ASN A 370 4.20 -6.95 4.42
C ASN A 370 5.15 -6.20 5.37
N ASP A 371 6.21 -5.62 4.81
CA ASP A 371 7.04 -4.64 5.53
C ASP A 371 6.24 -3.39 5.90
N LEU A 372 5.12 -3.19 5.19
CA LEU A 372 4.25 -2.04 5.39
C LEU A 372 3.41 -2.15 6.66
N VAL A 373 3.00 -3.37 7.02
CA VAL A 373 2.22 -3.60 8.23
C VAL A 373 3.04 -3.14 9.43
N SER A 374 4.31 -3.47 9.42
CA SER A 374 5.22 -3.15 10.51
C SER A 374 5.59 -1.66 10.58
N GLU A 375 6.10 -1.12 9.48
CA GLU A 375 6.65 0.24 9.45
C GLU A 375 5.62 1.36 9.31
N GLY A 376 4.45 1.01 8.80
CA GLY A 376 3.36 1.96 8.64
C GLY A 376 2.69 1.76 7.31
N MET A 377 1.37 1.61 7.35
CA MET A 377 0.54 1.51 6.16
C MET A 377 0.36 2.87 5.50
N PRO A 378 0.83 3.03 4.24
CA PRO A 378 0.63 4.30 3.55
C PRO A 378 -0.85 4.52 3.27
N THR A 379 -1.27 5.77 3.35
CA THR A 379 -2.64 6.18 3.03
C THR A 379 -2.78 6.56 1.53
N THR A 380 -1.65 6.73 0.84
CA THR A 380 -1.64 6.88 -0.64
C THR A 380 -0.46 6.13 -1.20
N MET A 381 -0.67 5.47 -2.33
CA MET A 381 0.40 4.81 -3.07
C MET A 381 0.29 5.16 -4.53
N THR A 382 1.38 5.63 -5.12
CA THR A 382 1.40 6.02 -6.52
C THR A 382 2.55 5.31 -7.25
N TRP A 383 2.23 4.69 -8.37
CA TRP A 383 3.24 4.06 -9.20
C TRP A 383 3.22 4.68 -10.61
N VAL A 384 4.40 4.97 -11.16
CA VAL A 384 4.49 5.65 -12.44
C VAL A 384 4.38 4.68 -13.61
N SER A 385 3.50 5.01 -14.54
CA SER A 385 3.46 4.36 -15.84
C SER A 385 4.13 5.30 -16.85
N GLY A 386 4.83 4.75 -17.82
CA GLY A 386 5.30 5.59 -18.92
C GLY A 386 6.80 5.63 -19.06
N THR A 387 7.25 6.05 -20.24
CA THR A 387 8.66 5.96 -20.63
C THR A 387 9.00 7.18 -21.46
N PRO A 388 9.36 8.29 -20.80
CA PRO A 388 9.68 9.55 -21.50
C PRO A 388 10.78 9.42 -22.57
N LYS A 389 11.66 8.45 -22.43
CA LYS A 389 12.72 8.28 -23.42
C LYS A 389 12.48 7.22 -24.50
N LEU A 390 11.29 6.64 -24.51
CA LEU A 390 10.82 5.88 -25.66
C LEU A 390 9.72 6.70 -26.32
N ARG A 391 9.93 7.16 -27.55
CA ARG A 391 8.96 8.09 -28.12
C ARG A 391 7.83 7.39 -28.86
N PHE A 392 6.82 7.00 -28.08
CA PHE A 392 5.58 6.51 -28.63
C PHE A 392 4.89 7.62 -29.41
N TYR A 393 5.24 8.88 -29.10
CA TYR A 393 4.71 10.02 -29.85
C TYR A 393 5.20 10.13 -31.30
N ASP A 394 6.08 9.24 -31.74
CA ASP A 394 6.53 9.20 -33.15
C ASP A 394 5.93 8.03 -33.97
N MET A 395 4.97 7.32 -33.37
CA MET A 395 4.34 6.18 -34.06
C MET A 395 3.41 6.64 -35.22
N ASP A 396 3.87 6.45 -36.46
CA ASP A 396 3.17 6.95 -37.64
C ASP A 396 2.79 5.77 -38.54
N PHE A 397 1.49 5.48 -38.67
CA PHE A 397 1.01 4.38 -39.50
C PHE A 397 0.83 4.78 -40.96
N GLY A 398 1.06 6.06 -41.26
CA GLY A 398 0.85 6.60 -42.60
C GLY A 398 0.04 7.87 -42.60
N TRP A 399 -0.57 8.21 -41.46
CA TRP A 399 -1.39 9.42 -41.36
C TRP A 399 -0.71 10.54 -40.59
N GLY A 400 0.52 10.29 -40.16
CA GLY A 400 1.22 11.26 -39.34
C GLY A 400 1.38 10.80 -37.89
N LYS A 401 2.10 11.61 -37.13
CA LYS A 401 2.34 11.35 -35.72
C LYS A 401 1.07 11.59 -34.93
N PRO A 402 0.94 10.90 -33.78
CA PRO A 402 -0.21 11.02 -32.91
C PRO A 402 -0.44 12.45 -32.41
N LYS A 403 -1.69 12.89 -32.40
CA LYS A 403 -2.06 14.13 -31.70
C LYS A 403 -1.98 14.01 -30.16
N LYS A 404 -2.43 12.88 -29.63
CA LYS A 404 -2.45 12.66 -28.18
C LYS A 404 -2.27 11.17 -27.86
N LEU A 405 -1.53 10.88 -26.79
CA LEU A 405 -1.44 9.53 -26.22
C LEU A 405 -2.07 9.54 -24.84
N GLU A 406 -2.82 8.48 -24.54
CA GLU A 406 -3.41 8.32 -23.22
C GLU A 406 -3.20 6.87 -22.76
N THR A 407 -2.66 6.71 -21.56
CA THR A 407 -2.63 5.40 -20.93
C THR A 407 -3.85 5.26 -20.01
N VAL A 408 -4.87 4.58 -20.52
CA VAL A 408 -6.16 4.44 -19.90
C VAL A 408 -6.08 3.57 -18.64
N SER A 409 -5.17 2.60 -18.61
CA SER A 409 -5.13 1.65 -17.49
C SER A 409 -4.65 2.27 -16.14
N ILE A 410 -4.17 3.51 -16.15
CA ILE A 410 -3.89 4.20 -14.88
C ILE A 410 -5.17 4.44 -14.05
N ASP A 411 -6.32 4.36 -14.70
CA ASP A 411 -7.63 4.49 -14.01
C ASP A 411 -7.90 3.38 -13.01
N HIS A 412 -7.21 2.26 -13.17
CA HIS A 412 -7.40 1.05 -12.36
C HIS A 412 -6.89 1.10 -10.90
N ASN A 413 -5.85 1.88 -10.65
CA ASN A 413 -5.12 1.83 -9.37
C ASN A 413 -4.32 3.11 -9.17
N GLY A 414 -3.47 3.11 -8.14
CA GLY A 414 -2.67 4.31 -7.81
C GLY A 414 -1.52 4.42 -8.79
N ALA A 415 -1.74 5.21 -9.84
CA ALA A 415 -0.82 5.30 -10.96
C ALA A 415 -1.03 6.63 -11.67
N ILE A 416 0.08 7.19 -12.16
CA ILE A 416 0.08 8.35 -13.05
C ILE A 416 0.93 7.97 -14.25
N SER A 417 0.79 8.67 -15.36
CA SER A 417 1.65 8.40 -16.50
C SER A 417 2.57 9.58 -16.73
N ILE A 418 3.79 9.27 -17.18
CA ILE A 418 4.81 10.28 -17.46
C ILE A 418 5.42 9.91 -18.78
N ASN A 419 5.26 10.80 -19.76
CA ASN A 419 5.82 10.59 -21.09
C ASN A 419 6.39 11.88 -21.64
N SER A 420 7.14 11.80 -22.72
CA SER A 420 7.54 13.01 -23.44
C SER A 420 6.33 13.57 -24.25
N CYS A 421 6.50 14.73 -24.87
CA CYS A 421 5.37 15.41 -25.49
C CYS A 421 5.15 15.13 -26.97
N LYS A 422 6.24 15.28 -27.71
CA LYS A 422 6.35 15.15 -29.18
C LYS A 422 5.91 16.18 -30.18
N GLU A 423 5.71 17.40 -29.72
CA GLU A 423 6.29 18.53 -30.42
C GLU A 423 7.62 18.82 -29.70
N SER A 424 7.87 18.08 -28.60
CA SER A 424 9.12 18.15 -27.83
C SER A 424 9.48 16.86 -27.07
N ASN A 425 10.65 16.32 -27.39
CA ASN A 425 11.19 15.16 -26.66
C ASN A 425 11.83 15.56 -25.33
N GLU A 426 11.86 16.86 -25.05
CA GLU A 426 12.47 17.36 -23.82
C GLU A 426 11.47 17.91 -22.79
N ASP A 427 10.20 18.06 -23.20
CA ASP A 427 9.13 18.37 -22.26
C ASP A 427 8.51 17.07 -21.75
N LEU A 428 7.82 17.14 -20.61
CA LEU A 428 7.14 15.98 -20.02
C LEU A 428 5.63 16.20 -19.87
N GLU A 429 4.85 15.19 -20.26
CA GLU A 429 3.39 15.19 -20.12
C GLU A 429 3.06 14.23 -19.01
N ILE A 430 2.28 14.68 -18.04
CA ILE A 430 1.94 13.87 -16.88
C ILE A 430 0.43 13.65 -16.82
N GLY A 431 0.02 12.39 -16.94
CA GLY A 431 -1.41 12.05 -16.97
C GLY A 431 -1.94 11.61 -15.61
N VAL A 432 -3.09 12.16 -15.24
CA VAL A 432 -3.69 11.93 -13.94
C VAL A 432 -5.18 11.64 -14.13
N CYS A 433 -5.70 10.61 -13.47
CA CYS A 433 -7.14 10.36 -13.45
C CYS A 433 -7.54 10.32 -11.99
N ILE A 434 -8.36 11.27 -11.58
CA ILE A 434 -8.82 11.37 -10.20
C ILE A 434 -10.26 11.86 -10.16
N SER A 435 -10.90 11.64 -9.01
CA SER A 435 -12.28 12.05 -8.82
C SER A 435 -12.45 13.54 -9.10
N ALA A 436 -13.67 13.88 -9.51
CA ALA A 436 -14.02 15.23 -9.92
C ALA A 436 -13.73 16.29 -8.86
N THR A 437 -14.03 15.96 -7.60
CA THR A 437 -13.85 16.93 -6.51
C THR A 437 -12.37 17.22 -6.27
N GLN A 438 -11.55 16.19 -6.34
CA GLN A 438 -10.11 16.33 -6.15
C GLN A 438 -9.37 17.05 -7.30
N MET A 439 -9.95 17.01 -8.50
CA MET A 439 -9.28 17.53 -9.69
C MET A 439 -9.17 19.06 -9.70
N GLU A 440 -10.20 19.74 -9.22
CA GLU A 440 -10.21 21.20 -9.13
C GLU A 440 -9.03 21.74 -8.34
N ASP A 441 -8.82 21.20 -7.14
CA ASP A 441 -7.67 21.58 -6.32
C ASP A 441 -6.36 21.18 -6.98
N PHE A 442 -6.31 19.97 -7.53
CA PHE A 442 -5.06 19.48 -8.10
C PHE A 442 -4.52 20.38 -9.21
N VAL A 443 -5.41 20.82 -10.10
CA VAL A 443 -5.08 21.73 -11.18
C VAL A 443 -4.48 23.01 -10.62
N HIS A 444 -5.14 23.57 -9.60
CA HIS A 444 -4.64 24.76 -8.92
C HIS A 444 -3.31 24.53 -8.24
N ILE A 445 -3.18 23.38 -7.57
CA ILE A 445 -1.94 23.00 -6.89
C ILE A 445 -0.78 22.89 -7.88
N PHE A 446 -1.02 22.15 -8.96
CA PHE A 446 0.00 22.00 -10.01
C PHE A 446 0.43 23.33 -10.67
N ASP A 447 -0.54 24.12 -11.13
CA ASP A 447 -0.28 25.40 -11.79
C ASP A 447 0.32 26.45 -10.85
N ASP A 448 -0.26 26.57 -9.65
CA ASP A 448 0.21 27.58 -8.69
C ASP A 448 1.67 27.38 -8.27
N GLY A 449 2.04 26.11 -8.05
CA GLY A 449 3.40 25.77 -7.60
C GLY A 449 4.48 26.02 -8.63
N LEU A 450 4.07 26.16 -9.90
CA LEU A 450 5.00 26.49 -10.96
C LEU A 450 5.11 28.01 -11.12
N ILE B 6 -1.59 24.56 26.70
CA ILE B 6 -0.41 24.53 27.61
C ILE B 6 -0.40 23.31 28.53
N LEU B 7 0.65 22.52 28.30
CA LEU B 7 1.21 21.55 29.20
C LEU B 7 2.39 22.12 30.01
N THR B 8 2.35 21.85 31.31
CA THR B 8 3.42 22.17 32.23
C THR B 8 3.98 20.83 32.73
N VAL B 9 5.27 20.59 32.53
CA VAL B 9 5.90 19.40 33.12
C VAL B 9 6.20 19.67 34.62
N LEU B 10 5.55 18.87 35.48
CA LEU B 10 5.73 18.95 36.93
C LEU B 10 6.94 18.14 37.44
N GLU B 11 7.12 16.92 36.92
CA GLU B 11 8.26 16.09 37.31
C GLU B 11 8.67 15.14 36.19
N GLN B 12 9.98 15.03 35.97
CA GLN B 12 10.56 14.06 35.07
C GLN B 12 11.23 13.02 35.94
N SER B 13 10.57 11.88 36.15
CA SER B 13 11.09 10.89 37.05
C SER B 13 11.51 9.62 36.30
N GLN B 14 12.22 8.76 37.01
CA GLN B 14 12.63 7.45 36.52
C GLN B 14 12.17 6.44 37.55
N VAL B 15 11.47 5.39 37.11
CA VAL B 15 10.95 4.36 38.00
C VAL B 15 11.62 3.01 37.75
N SER B 16 12.17 2.45 38.83
CA SER B 16 12.85 1.14 38.80
C SER B 16 12.07 0.12 39.64
N PRO B 17 12.39 -1.18 39.48
CA PRO B 17 11.85 -2.16 40.40
C PRO B 17 12.48 -1.97 41.80
N PRO B 18 11.82 -2.53 42.85
CA PRO B 18 12.32 -2.27 44.19
C PRO B 18 13.78 -2.70 44.39
N PRO B 19 14.48 -2.04 45.33
CA PRO B 19 15.84 -2.42 45.71
C PRO B 19 15.93 -3.90 46.10
N ASP B 20 16.93 -4.60 45.58
CA ASP B 20 17.20 -6.01 45.94
C ASP B 20 16.05 -6.96 45.60
N THR B 21 15.56 -6.86 44.36
CA THR B 21 14.55 -7.77 43.86
C THR B 21 15.01 -8.41 42.56
N LEU B 22 15.19 -7.59 41.53
CA LEU B 22 15.50 -8.12 40.20
C LEU B 22 17.00 -8.07 39.90
N GLY B 23 17.58 -9.20 39.51
CA GLY B 23 18.92 -9.21 38.94
C GLY B 23 18.87 -8.95 37.43
N ASP B 24 20.04 -8.94 36.79
CA ASP B 24 20.13 -8.84 35.34
C ASP B 24 19.35 -9.98 34.69
N LYS B 25 18.53 -9.64 33.69
CA LYS B 25 17.71 -10.63 32.99
C LYS B 25 17.51 -10.32 31.51
N SER B 26 17.53 -11.39 30.71
CA SER B 26 17.35 -11.37 29.26
C SER B 26 16.02 -12.00 28.89
N LEU B 27 15.47 -11.59 27.74
CA LEU B 27 14.38 -12.33 27.13
C LEU B 27 14.68 -12.51 25.64
N GLN B 28 14.78 -13.77 25.23
CA GLN B 28 14.97 -14.11 23.83
C GLN B 28 13.68 -13.93 23.05
N LEU B 29 13.80 -13.56 21.79
CA LEU B 29 12.67 -13.17 20.98
C LEU B 29 12.41 -14.16 19.86
N THR B 30 11.22 -14.08 19.27
CA THR B 30 10.84 -14.96 18.17
C THR B 30 10.66 -14.18 16.89
N PHE B 31 10.41 -14.91 15.80
CA PHE B 31 10.12 -14.27 14.52
C PHE B 31 8.92 -13.32 14.66
N PHE B 32 7.98 -13.64 15.54
CA PHE B 32 6.79 -12.80 15.78
C PHE B 32 7.21 -11.43 16.33
N ASP B 33 8.30 -11.42 17.09
CA ASP B 33 8.85 -10.20 17.67
C ASP B 33 9.75 -9.49 16.66
N PHE B 34 10.56 -10.26 15.92
CA PHE B 34 11.44 -9.68 14.89
C PHE B 34 10.71 -8.93 13.77
N PHE B 35 9.49 -9.39 13.46
CA PHE B 35 8.63 -8.71 12.50
C PHE B 35 8.47 -7.20 12.78
N TRP B 36 8.47 -6.82 14.05
CA TRP B 36 8.18 -5.43 14.48
C TRP B 36 9.41 -4.55 14.74
N LEU B 37 10.59 -5.04 14.36
CA LEU B 37 11.87 -4.38 14.68
C LEU B 37 11.98 -2.91 14.24
N ARG B 38 11.42 -2.58 13.08
CA ARG B 38 11.48 -1.22 12.53
C ARG B 38 10.15 -0.47 12.63
N SER B 39 9.28 -0.89 13.52
CA SER B 39 7.96 -0.29 13.66
C SER B 39 7.96 1.01 14.47
N PRO B 40 6.98 1.90 14.21
CA PRO B 40 6.85 3.12 15.01
C PRO B 40 6.25 2.83 16.40
N PRO B 41 6.38 3.77 17.37
CA PRO B 41 5.82 3.47 18.70
C PRO B 41 4.29 3.36 18.73
N ILE B 42 3.77 2.63 19.71
CA ILE B 42 2.33 2.59 19.96
C ILE B 42 2.05 3.57 21.08
N ASN B 43 1.10 4.47 20.86
CA ASN B 43 0.74 5.49 21.84
C ASN B 43 -0.73 5.30 22.25
N ASN B 44 -0.96 5.02 23.53
CA ASN B 44 -2.31 4.90 24.08
C ASN B 44 -2.58 5.85 25.25
N LEU B 45 -3.82 6.37 25.29
CA LEU B 45 -4.33 7.25 26.34
C LEU B 45 -5.55 6.69 27.04
N PHE B 46 -5.56 6.83 28.36
CA PHE B 46 -6.69 6.52 29.24
C PHE B 46 -7.05 7.78 30.00
N PHE B 47 -8.26 8.27 29.78
CA PHE B 47 -8.74 9.46 30.43
C PHE B 47 -9.66 9.06 31.61
N TYR B 48 -9.45 9.68 32.77
CA TYR B 48 -10.28 9.46 33.94
C TYR B 48 -10.86 10.77 34.43
N GLU B 49 -12.14 10.73 34.78
CA GLU B 49 -12.83 11.88 35.36
C GLU B 49 -12.77 11.79 36.89
N LEU B 50 -12.26 12.85 37.53
CA LEU B 50 -12.23 12.98 39.01
C LEU B 50 -11.75 14.39 39.40
N PRO B 51 -12.51 15.08 40.29
CA PRO B 51 -12.25 16.50 40.59
C PRO B 51 -11.02 16.78 41.48
N ILE B 52 -9.87 16.31 41.03
CA ILE B 52 -8.61 16.33 41.76
C ILE B 52 -7.85 17.67 41.64
N THR B 53 -7.26 18.11 42.76
CA THR B 53 -6.45 19.32 42.77
C THR B 53 -5.00 18.99 42.51
N ARG B 54 -4.19 20.02 42.27
CA ARG B 54 -2.75 19.87 42.12
C ARG B 54 -2.06 19.31 43.40
N SER B 55 -2.43 19.83 44.56
CA SER B 55 -1.89 19.35 45.85
C SER B 55 -2.15 17.87 46.04
N GLN B 56 -3.38 17.47 45.77
CA GLN B 56 -3.77 16.08 45.87
C GLN B 56 -2.99 15.22 44.87
N PHE B 57 -2.92 15.70 43.63
CA PHE B 57 -2.18 15.03 42.57
C PHE B 57 -0.77 14.72 43.05
N THR B 58 -0.09 15.77 43.50
CA THR B 58 1.28 15.68 44.01
C THR B 58 1.44 14.84 45.28
N GLU B 59 0.48 14.92 46.19
CA GLU B 59 0.61 14.25 47.51
C GLU B 59 0.34 12.75 47.50
N THR B 60 -0.67 12.32 46.75
CA THR B 60 -0.95 10.88 46.65
C THR B 60 -0.79 10.25 45.28
N VAL B 61 -1.30 10.87 44.21
CA VAL B 61 -1.24 10.23 42.88
C VAL B 61 0.18 9.95 42.40
N VAL B 62 1.04 10.98 42.45
CA VAL B 62 2.43 10.84 42.00
C VAL B 62 3.17 9.70 42.74
N PRO B 63 3.18 9.71 44.11
CA PRO B 63 3.83 8.59 44.82
C PRO B 63 3.17 7.23 44.55
N ASN B 64 1.84 7.21 44.40
CA ASN B 64 1.12 5.96 44.10
C ASN B 64 1.44 5.37 42.72
N ILE B 65 1.51 6.25 41.70
CA ILE B 65 1.91 5.81 40.37
C ILE B 65 3.30 5.23 40.41
N LYS B 66 4.27 5.97 40.97
CA LYS B 66 5.65 5.51 41.09
C LYS B 66 5.74 4.18 41.86
N HIS B 67 5.03 4.10 42.98
CA HIS B 67 5.16 2.94 43.86
C HIS B 67 4.52 1.70 43.25
N SER B 68 3.29 1.83 42.76
CA SER B 68 2.60 0.69 42.14
C SER B 68 3.33 0.20 40.90
N LEU B 69 3.86 1.14 40.11
CA LEU B 69 4.65 0.77 38.92
C LEU B 69 5.94 0.06 39.28
N SER B 70 6.70 0.61 40.23
CA SER B 70 7.91 -0.05 40.75
C SER B 70 7.66 -1.52 41.06
N ILE B 71 6.61 -1.78 41.83
CA ILE B 71 6.28 -3.12 42.27
C ILE B 71 5.91 -4.01 41.09
N THR B 72 5.09 -3.49 40.18
CA THR B 72 4.71 -4.21 38.96
C THR B 72 5.95 -4.64 38.15
N LEU B 73 6.92 -3.75 38.03
CA LEU B 73 8.10 -4.03 37.22
C LEU B 73 8.91 -5.21 37.68
N LYS B 74 8.91 -5.49 38.98
CA LYS B 74 9.63 -6.66 39.46
C LYS B 74 9.02 -7.98 38.93
N HIS B 75 7.74 -7.94 38.53
CA HIS B 75 7.09 -9.09 37.90
C HIS B 75 7.13 -9.05 36.36
N PHE B 76 7.30 -7.87 35.78
CA PHE B 76 7.32 -7.68 34.33
C PHE B 76 8.61 -7.02 33.88
N TYR B 77 9.71 -7.75 34.01
CA TYR B 77 11.05 -7.22 33.75
C TYR B 77 11.32 -6.66 32.36
N PRO B 78 10.73 -7.24 31.28
CA PRO B 78 10.92 -6.64 29.95
C PRO B 78 10.40 -5.21 29.81
N PHE B 79 9.38 -4.83 30.59
CA PHE B 79 8.84 -3.46 30.55
C PHE B 79 9.88 -2.40 30.99
N VAL B 80 10.83 -2.81 31.81
CA VAL B 80 11.89 -1.90 32.32
C VAL B 80 13.22 -2.22 31.62
N GLY B 81 13.19 -3.15 30.67
CA GLY B 81 14.37 -3.46 29.84
C GLY B 81 14.46 -2.70 28.54
N LYS B 82 15.43 -3.07 27.71
CA LYS B 82 15.64 -2.43 26.43
C LYS B 82 15.71 -3.45 25.29
N LEU B 83 15.30 -3.05 24.10
CA LEU B 83 15.56 -3.84 22.90
C LEU B 83 17.03 -3.66 22.53
N VAL B 84 17.75 -4.77 22.46
CA VAL B 84 19.15 -4.72 22.09
C VAL B 84 19.34 -5.32 20.69
N VAL B 85 19.82 -4.50 19.76
CA VAL B 85 20.08 -4.98 18.39
C VAL B 85 21.57 -4.93 18.06
N TYR B 86 22.11 -6.10 17.69
CA TYR B 86 23.51 -6.29 17.30
C TYR B 86 23.73 -6.17 15.79
N PRO B 87 24.94 -5.71 15.36
CA PRO B 87 25.18 -5.42 13.95
C PRO B 87 25.52 -6.67 13.14
N ALA B 88 25.97 -7.71 13.83
CA ALA B 88 26.26 -8.99 13.20
C ALA B 88 24.92 -9.58 12.77
N PRO B 89 24.76 -9.84 11.46
CA PRO B 89 23.47 -10.37 10.96
C PRO B 89 23.12 -11.69 11.67
N THR B 90 24.11 -12.29 12.33
CA THR B 90 23.98 -13.52 13.08
C THR B 90 23.28 -13.25 14.40
N LYS B 91 23.97 -12.55 15.30
CA LYS B 91 23.53 -12.35 16.67
C LYS B 91 22.11 -11.74 16.74
N LYS B 92 21.21 -12.48 17.40
CA LYS B 92 19.79 -12.14 17.46
C LYS B 92 19.51 -11.03 18.46
N PRO B 93 18.66 -10.05 18.07
CA PRO B 93 18.15 -9.07 19.02
C PRO B 93 17.48 -9.74 20.22
N GLU B 94 17.55 -9.08 21.37
CA GLU B 94 16.96 -9.59 22.60
C GLU B 94 16.52 -8.43 23.45
N ILE B 95 15.74 -8.73 24.47
CA ILE B 95 15.38 -7.74 25.46
C ILE B 95 16.25 -7.97 26.69
N CYS B 96 16.97 -6.94 27.11
CA CYS B 96 17.84 -7.02 28.27
C CYS B 96 17.43 -6.00 29.33
N TYR B 97 17.26 -6.49 30.55
CA TYR B 97 17.19 -5.63 31.74
C TYR B 97 18.52 -5.71 32.51
N VAL B 98 19.10 -4.57 32.84
CA VAL B 98 20.27 -4.55 33.75
C VAL B 98 19.96 -3.70 34.98
N GLU B 99 20.45 -4.11 36.14
CA GLU B 99 20.21 -3.31 37.36
C GLU B 99 20.66 -1.88 37.10
N GLY B 100 19.85 -0.92 37.53
CA GLY B 100 20.07 0.47 37.13
C GLY B 100 19.10 0.94 36.05
N ASP B 101 18.51 0.00 35.30
CA ASP B 101 17.49 0.35 34.29
C ASP B 101 16.21 0.89 34.90
N SER B 102 15.61 1.85 34.22
CA SER B 102 14.42 2.48 34.73
C SER B 102 13.46 2.83 33.60
N VAL B 103 12.21 3.11 33.99
CA VAL B 103 11.16 3.58 33.09
C VAL B 103 11.00 5.08 33.28
N ALA B 104 11.02 5.83 32.18
CA ALA B 104 10.79 7.27 32.25
C ALA B 104 9.31 7.52 32.49
N VAL B 105 9.02 8.25 33.57
CA VAL B 105 7.65 8.58 33.88
C VAL B 105 7.55 10.08 34.07
N THR B 106 6.84 10.72 33.16
CA THR B 106 6.63 12.15 33.28
C THR B 106 5.25 12.48 33.83
N PHE B 107 5.25 13.44 34.75
CA PHE B 107 4.05 13.89 35.41
C PHE B 107 3.88 15.33 34.95
N ALA B 108 2.68 15.66 34.52
CA ALA B 108 2.43 16.92 33.86
C ALA B 108 1.09 17.49 34.27
N GLU B 109 0.83 18.70 33.80
CA GLU B 109 -0.42 19.36 34.03
C GLU B 109 -0.86 20.05 32.74
N CYS B 110 -2.11 19.83 32.38
CA CYS B 110 -2.65 20.39 31.15
C CYS B 110 -3.82 21.32 31.46
N ASN B 111 -3.84 22.50 30.85
CA ASN B 111 -4.88 23.48 31.15
C ASN B 111 -6.07 23.48 30.17
N LEU B 112 -6.07 22.52 29.24
CA LEU B 112 -7.22 22.27 28.37
C LEU B 112 -8.38 21.70 29.17
N ASP B 113 -9.60 22.02 28.73
CA ASP B 113 -10.81 21.50 29.33
C ASP B 113 -10.89 20.02 28.98
N LEU B 114 -10.91 19.17 30.01
CA LEU B 114 -10.92 17.72 29.82
C LEU B 114 -12.12 17.24 29.00
N ASN B 115 -13.27 17.90 29.18
CA ASN B 115 -14.49 17.53 28.47
C ASN B 115 -14.39 17.68 26.97
N GLU B 116 -13.50 18.57 26.52
CA GLU B 116 -13.19 18.76 25.11
C GLU B 116 -12.32 17.65 24.53
N LEU B 117 -11.78 16.77 25.37
CA LEU B 117 -10.91 15.70 24.89
C LEU B 117 -11.58 14.35 24.96
N THR B 118 -12.47 14.18 25.93
CA THR B 118 -13.07 12.88 26.22
C THR B 118 -14.37 12.61 25.47
N GLY B 119 -14.87 13.59 24.71
CA GLY B 119 -16.08 13.42 23.89
C GLY B 119 -15.85 12.61 22.61
N ASN B 120 -16.93 12.30 21.90
CA ASN B 120 -16.82 11.45 20.69
C ASN B 120 -16.75 12.23 19.39
N HIS B 121 -17.14 13.50 19.47
CA HIS B 121 -17.22 14.37 18.31
C HIS B 121 -15.83 14.82 17.89
N PRO B 122 -15.67 15.28 16.63
CA PRO B 122 -14.38 15.69 16.07
C PRO B 122 -13.62 16.71 16.90
N ARG B 123 -12.40 16.35 17.27
CA ARG B 123 -11.51 17.25 17.96
C ARG B 123 -10.14 17.14 17.32
N ASN B 124 -9.36 18.22 17.39
CA ASN B 124 -8.05 18.28 16.78
C ASN B 124 -7.12 17.18 17.26
N CYS B 125 -6.62 16.38 16.32
CA CYS B 125 -5.69 15.27 16.57
C CYS B 125 -4.50 15.73 17.40
N ASP B 126 -4.04 16.95 17.16
CA ASP B 126 -2.79 17.42 17.74
C ASP B 126 -2.86 17.87 19.21
N LYS B 127 -4.07 18.05 19.73
CA LYS B 127 -4.29 18.29 21.16
C LYS B 127 -3.87 17.10 22.06
N PHE B 128 -3.72 15.92 21.46
CA PHE B 128 -3.43 14.69 22.21
C PHE B 128 -1.95 14.38 22.28
N TYR B 129 -1.15 15.00 21.41
CA TYR B 129 0.26 14.62 21.26
C TYR B 129 1.13 14.86 22.49
N ASP B 130 0.89 15.91 23.25
CA ASP B 130 1.74 16.06 24.43
C ASP B 130 1.13 15.50 25.71
N LEU B 131 0.11 14.64 25.52
CA LEU B 131 -0.38 13.77 26.57
C LEU B 131 0.31 12.41 26.48
N VAL B 132 1.04 12.17 25.40
CA VAL B 132 1.75 10.89 25.31
C VAL B 132 3.26 11.08 25.33
N PRO B 133 3.96 10.23 26.10
CA PRO B 133 5.42 10.33 26.29
C PRO B 133 6.14 9.85 25.05
N ILE B 134 7.29 10.46 24.76
CA ILE B 134 8.19 9.92 23.78
C ILE B 134 8.68 8.55 24.25
N LEU B 135 9.00 7.67 23.31
CA LEU B 135 9.50 6.36 23.66
C LEU B 135 10.82 6.51 24.44
N GLY B 136 11.66 7.43 23.98
CA GLY B 136 12.90 7.73 24.68
C GLY B 136 14.09 7.48 23.79
N GLU B 137 15.16 8.23 24.04
CA GLU B 137 16.38 8.14 23.24
C GLU B 137 17.06 6.79 23.33
N SER B 138 17.57 6.33 22.19
CA SER B 138 18.31 5.08 22.18
C SER B 138 19.70 5.27 22.76
N THR B 139 20.31 4.18 23.19
CA THR B 139 21.67 4.22 23.70
C THR B 139 22.52 3.49 22.70
N ARG B 140 23.45 4.21 22.08
CA ARG B 140 24.34 3.65 21.08
C ARG B 140 25.69 3.31 21.69
N LEU B 141 26.00 2.03 21.72
CA LEU B 141 27.28 1.54 22.19
C LEU B 141 28.09 1.05 21.00
N SER B 142 29.27 0.50 21.27
CA SER B 142 30.19 0.06 20.23
C SER B 142 29.68 -1.21 19.57
N ASP B 143 29.14 -2.11 20.41
CA ASP B 143 28.70 -3.43 19.98
C ASP B 143 27.19 -3.55 19.69
N CYS B 144 26.41 -2.50 20.00
CA CYS B 144 24.96 -2.56 19.90
C CYS B 144 24.27 -1.20 20.04
N ILE B 145 22.98 -1.19 19.68
CA ILE B 145 22.09 -0.08 20.01
C ILE B 145 21.02 -0.63 20.97
N LYS B 146 20.66 0.17 21.97
CA LYS B 146 19.64 -0.24 22.93
C LYS B 146 18.49 0.76 22.91
N ILE B 147 17.27 0.22 22.80
CA ILE B 147 16.08 1.04 22.57
C ILE B 147 15.12 0.81 23.71
N PRO B 148 14.63 1.90 24.35
CA PRO B 148 13.65 1.80 25.41
C PRO B 148 12.35 1.15 24.90
N LEU B 149 11.61 0.48 25.76
CA LEU B 149 10.48 -0.32 25.32
C LEU B 149 9.13 0.21 25.77
N PHE B 150 9.16 1.09 26.77
CA PHE B 150 7.96 1.46 27.54
C PHE B 150 8.22 2.78 28.28
N SER B 151 7.30 3.74 28.13
CA SER B 151 7.34 4.99 28.90
C SER B 151 5.92 5.46 29.22
N VAL B 152 5.82 6.34 30.21
CA VAL B 152 4.54 6.75 30.76
C VAL B 152 4.47 8.25 30.97
N GLN B 153 3.29 8.82 30.75
CA GLN B 153 3.02 10.21 31.17
C GLN B 153 1.68 10.24 31.89
N VAL B 154 1.67 10.90 33.05
CA VAL B 154 0.45 11.08 33.85
C VAL B 154 0.20 12.56 33.87
N THR B 155 -0.95 12.96 33.35
CA THR B 155 -1.23 14.38 33.17
C THR B 155 -2.45 14.79 33.96
N LEU B 156 -2.27 15.81 34.78
CA LEU B 156 -3.34 16.38 35.58
C LEU B 156 -4.14 17.44 34.83
N PHE B 157 -5.46 17.29 34.83
CA PHE B 157 -6.37 18.33 34.38
C PHE B 157 -7.03 18.92 35.62
N PRO B 158 -6.47 20.01 36.16
CA PRO B 158 -6.87 20.50 37.48
C PRO B 158 -8.40 20.55 37.71
N ASN B 159 -8.86 19.87 38.77
CA ASN B 159 -10.27 19.80 39.17
C ASN B 159 -11.16 19.04 38.16
N GLN B 160 -10.53 18.34 37.22
CA GLN B 160 -11.29 17.65 36.18
C GLN B 160 -10.93 16.17 36.06
N GLY B 161 -9.63 15.86 36.06
CA GLY B 161 -9.23 14.47 35.96
C GLY B 161 -7.79 14.23 35.59
N ILE B 162 -7.52 13.03 35.09
CA ILE B 162 -6.17 12.55 34.86
C ILE B 162 -6.16 11.76 33.55
N ALA B 163 -5.14 12.01 32.74
CA ALA B 163 -4.85 11.17 31.57
C ALA B 163 -3.61 10.32 31.85
N ILE B 164 -3.70 9.03 31.60
CA ILE B 164 -2.51 8.20 31.59
C ILE B 164 -2.10 7.89 30.17
N GLY B 165 -0.92 8.36 29.80
CA GLY B 165 -0.35 8.17 28.47
C GLY B 165 0.69 7.08 28.54
N ILE B 166 0.59 6.10 27.64
CA ILE B 166 1.49 4.96 27.65
C ILE B 166 2.02 4.74 26.23
N THR B 167 3.35 4.71 26.12
CA THR B 167 4.00 4.50 24.84
C THR B 167 4.82 3.22 24.95
N ASN B 168 4.73 2.37 23.93
CA ASN B 168 5.58 1.18 23.92
C ASN B 168 6.12 0.85 22.54
N HIS B 169 7.20 0.08 22.53
CA HIS B 169 7.74 -0.52 21.31
C HIS B 169 7.01 -1.83 21.05
N HIS B 170 6.62 -2.08 19.82
CA HIS B 170 5.90 -3.33 19.52
C HIS B 170 6.70 -4.63 19.78
N CYS B 171 8.03 -4.55 19.69
CA CYS B 171 8.87 -5.70 20.04
C CYS B 171 8.68 -6.16 21.48
N LEU B 172 8.21 -5.26 22.34
CA LEU B 172 7.90 -5.62 23.75
C LEU B 172 6.83 -6.72 23.85
N GLY B 173 5.79 -6.60 23.04
CA GLY B 173 4.67 -7.52 23.07
C GLY B 173 3.47 -6.92 22.37
N ASP B 174 2.43 -7.73 22.23
CA ASP B 174 1.23 -7.34 21.52
C ASP B 174 0.21 -6.82 22.53
N ALA B 175 -1.03 -6.58 22.07
CA ALA B 175 -2.06 -6.03 22.95
C ALA B 175 -2.35 -6.94 24.16
N SER B 176 -2.28 -8.27 23.97
CA SER B 176 -2.45 -9.25 25.09
C SER B 176 -1.39 -9.11 26.18
N THR B 177 -0.16 -8.90 25.75
CA THR B 177 0.95 -8.62 26.66
C THR B 177 0.72 -7.32 27.45
N ARG B 178 0.29 -6.28 26.74
CA ARG B 178 -0.01 -4.97 27.35
C ARG B 178 -1.15 -5.07 28.34
N PHE B 179 -2.18 -5.81 27.93
CA PHE B 179 -3.35 -6.09 28.79
C PHE B 179 -2.95 -6.78 30.12
N CYS B 180 -2.12 -7.82 30.02
CA CYS B 180 -1.64 -8.61 31.15
C CYS B 180 -0.85 -7.73 32.13
N PHE B 181 -0.01 -6.84 31.58
CA PHE B 181 0.75 -5.86 32.37
C PHE B 181 -0.16 -4.87 33.08
N LEU B 182 -1.08 -4.27 32.36
CA LEU B 182 -1.96 -3.26 32.94
C LEU B 182 -2.95 -3.83 33.97
N LYS B 183 -3.40 -5.08 33.75
CA LYS B 183 -4.19 -5.81 34.76
C LYS B 183 -3.46 -5.88 36.10
N ALA B 184 -2.18 -6.28 36.05
CA ALA B 184 -1.32 -6.40 37.23
C ALA B 184 -1.08 -5.04 37.89
N TRP B 185 -0.68 -4.07 37.08
CA TRP B 185 -0.37 -2.73 37.55
C TRP B 185 -1.55 -2.11 38.26
N THR B 186 -2.73 -2.19 37.65
CA THR B 186 -3.96 -1.66 38.24
C THR B 186 -4.37 -2.38 39.54
N SER B 187 -4.22 -3.70 39.55
CA SER B 187 -4.47 -4.53 40.73
C SER B 187 -3.55 -4.12 41.88
N ILE B 188 -2.28 -3.89 41.55
CA ILE B 188 -1.27 -3.51 42.53
C ILE B 188 -1.57 -2.10 43.06
N ALA B 189 -1.91 -1.18 42.16
CA ALA B 189 -2.34 0.19 42.52
C ALA B 189 -3.60 0.24 43.38
N ARG B 190 -4.65 -0.43 42.93
CA ARG B 190 -5.95 -0.40 43.62
C ARG B 190 -5.88 -0.96 45.03
N SER B 191 -4.98 -1.91 45.25
CA SER B 191 -4.88 -2.55 46.56
C SER B 191 -3.82 -1.91 47.46
N GLY B 192 -3.52 -0.64 47.22
CA GLY B 192 -2.63 0.15 48.08
C GLY B 192 -1.15 -0.08 47.85
N ASN B 193 -0.76 -0.30 46.59
CA ASN B 193 0.65 -0.54 46.22
C ASN B 193 1.16 -1.83 46.84
N ASN B 194 0.38 -2.87 46.59
CA ASN B 194 0.61 -4.16 47.17
C ASN B 194 0.34 -5.25 46.13
N ASP B 195 1.30 -6.16 45.96
CA ASP B 195 1.18 -7.24 44.95
C ASP B 195 0.57 -8.58 45.43
N GLU B 196 0.12 -8.65 46.68
CA GLU B 196 -0.29 -9.95 47.23
C GLU B 196 -1.54 -10.51 46.55
N SER B 197 -2.50 -9.64 46.25
CA SER B 197 -3.69 -10.05 45.53
C SER B 197 -3.36 -10.46 44.10
N PHE B 198 -2.34 -9.83 43.50
CA PHE B 198 -1.91 -10.20 42.16
C PHE B 198 -1.22 -11.56 42.17
N LEU B 199 -0.34 -11.78 43.16
CA LEU B 199 0.38 -13.05 43.28
C LEU B 199 -0.55 -14.22 43.66
N ALA B 200 -1.62 -13.92 44.39
CA ALA B 200 -2.58 -14.93 44.81
C ALA B 200 -3.63 -15.23 43.73
N ASN B 201 -4.20 -14.18 43.13
CA ASN B 201 -5.31 -14.32 42.20
C ASN B 201 -5.00 -13.95 40.75
N GLY B 202 -3.96 -13.15 40.54
CA GLY B 202 -3.66 -12.63 39.21
C GLY B 202 -3.03 -13.61 38.24
N THR B 203 -2.87 -13.17 36.99
CA THR B 203 -2.25 -13.98 35.95
C THR B 203 -0.82 -13.49 35.74
N ARG B 204 0.14 -14.32 36.13
CA ARG B 204 1.56 -14.05 35.92
C ARG B 204 1.93 -14.25 34.46
N PRO B 205 2.87 -13.42 33.95
CA PRO B 205 3.37 -13.62 32.59
C PRO B 205 4.17 -14.92 32.45
N LEU B 206 4.05 -15.57 31.30
CA LEU B 206 4.83 -16.76 30.99
C LEU B 206 6.02 -16.41 30.10
N TYR B 207 7.22 -16.49 30.68
CA TYR B 207 8.45 -16.18 29.95
C TYR B 207 9.10 -17.40 29.29
N ASP B 208 8.56 -18.59 29.51
CA ASP B 208 9.06 -19.77 28.79
C ASP B 208 9.03 -19.51 27.29
N ARG B 209 10.12 -19.82 26.62
CA ARG B 209 10.21 -19.59 25.18
C ARG B 209 9.61 -20.78 24.42
N ILE B 210 8.28 -20.84 24.42
CA ILE B 210 7.54 -22.01 23.94
C ILE B 210 7.22 -21.99 22.44
N ILE B 211 7.59 -20.89 21.77
CA ILE B 211 7.48 -20.78 20.33
C ILE B 211 8.90 -20.91 19.79
N LYS B 212 9.18 -22.06 19.16
CA LYS B 212 10.50 -22.37 18.63
C LYS B 212 10.42 -22.73 17.15
N TYR B 213 10.63 -21.71 16.32
CA TYR B 213 10.68 -21.83 14.88
C TYR B 213 11.93 -21.10 14.37
N PRO B 214 13.12 -21.70 14.59
CA PRO B 214 14.41 -21.05 14.33
C PRO B 214 14.67 -20.76 12.86
N MET B 215 14.01 -21.52 12.00
CA MET B 215 14.09 -21.26 10.56
C MET B 215 13.38 -19.93 10.21
N LEU B 216 12.18 -19.75 10.76
CA LEU B 216 11.42 -18.51 10.60
C LEU B 216 12.08 -17.33 11.32
N ASP B 217 12.68 -17.62 12.48
CA ASP B 217 13.46 -16.63 13.24
C ASP B 217 14.51 -15.91 12.38
N GLU B 218 15.34 -16.68 11.66
CA GLU B 218 16.39 -16.09 10.79
C GLU B 218 15.90 -15.45 9.50
N ALA B 219 14.78 -15.96 8.99
CA ALA B 219 14.16 -15.39 7.80
C ALA B 219 13.59 -14.01 8.07
N TYR B 220 12.90 -13.87 9.21
CA TYR B 220 12.31 -12.60 9.62
C TYR B 220 13.37 -11.60 10.08
N LEU B 221 14.43 -12.13 10.71
CA LEU B 221 15.63 -11.37 11.08
C LEU B 221 16.31 -10.79 9.83
N LYS B 222 16.61 -11.66 8.87
CA LYS B 222 17.19 -11.26 7.58
C LYS B 222 16.37 -10.18 6.90
N ARG B 223 15.04 -10.32 6.96
CA ARG B 223 14.13 -9.36 6.35
C ARG B 223 14.12 -8.00 7.09
N ALA B 224 14.55 -8.04 8.36
CA ALA B 224 14.59 -6.86 9.25
C ALA B 224 15.80 -5.98 8.96
N LYS B 225 16.72 -6.50 8.15
CA LYS B 225 17.96 -5.81 7.74
C LYS B 225 18.71 -5.25 8.95
N VAL B 226 19.26 -6.15 9.75
CA VAL B 226 19.73 -5.84 11.10
C VAL B 226 21.11 -5.16 11.06
N GLU B 227 21.85 -5.43 9.99
CA GLU B 227 23.18 -4.86 9.84
C GLU B 227 23.14 -3.36 9.49
N SER B 228 22.01 -2.88 8.98
CA SER B 228 21.84 -1.44 8.79
C SER B 228 20.89 -0.79 9.81
N PHE B 229 20.38 -1.57 10.77
CA PHE B 229 19.44 -1.07 11.78
C PHE B 229 19.99 0.12 12.60
N ASN B 230 21.17 -0.08 13.18
CA ASN B 230 21.91 0.96 13.91
C ASN B 230 21.96 2.29 13.17
N GLU B 231 22.39 2.27 11.91
CA GLU B 231 22.50 3.48 11.10
C GLU B 231 21.14 4.01 10.61
N ASP B 232 20.12 3.14 10.53
CA ASP B 232 18.78 3.53 10.07
C ASP B 232 17.84 4.04 11.16
N TYR B 233 18.04 3.56 12.38
CA TYR B 233 17.06 3.83 13.44
C TYR B 233 16.96 5.31 13.82
N VAL B 234 15.76 5.86 13.74
CA VAL B 234 15.48 7.23 14.19
C VAL B 234 14.19 7.28 15.01
N THR B 235 14.12 8.22 15.95
CA THR B 235 12.93 8.40 16.80
C THR B 235 11.71 8.88 15.97
N GLN B 236 10.52 8.47 16.40
CA GLN B 236 9.29 8.63 15.60
C GLN B 236 8.12 9.24 16.38
N SER B 237 8.39 10.33 17.09
CA SER B 237 7.39 10.94 17.95
C SER B 237 6.40 11.83 17.18
N LEU B 238 5.12 11.71 17.53
CA LEU B 238 4.08 12.54 16.95
C LEU B 238 4.20 13.96 17.50
N ALA B 239 4.15 14.95 16.60
CA ALA B 239 4.19 16.35 16.99
C ALA B 239 3.29 17.18 16.09
N GLY B 240 2.67 18.21 16.64
CA GLY B 240 1.84 19.10 15.83
C GLY B 240 2.68 20.11 15.07
N PRO B 241 2.02 21.13 14.47
CA PRO B 241 0.56 21.21 14.38
C PRO B 241 -0.02 20.44 13.17
N SER B 242 -1.31 20.16 13.23
CA SER B 242 -2.01 19.44 12.16
C SER B 242 -3.44 19.96 12.04
N ASP B 243 -4.02 19.85 10.84
CA ASP B 243 -5.44 20.14 10.65
C ASP B 243 -6.37 18.92 10.84
N LYS B 244 -5.80 17.77 11.18
CA LYS B 244 -6.55 16.51 11.30
C LYS B 244 -7.47 16.49 12.50
N LEU B 245 -8.62 15.87 12.31
CA LEU B 245 -9.62 15.75 13.37
C LEU B 245 -9.80 14.29 13.78
N ARG B 246 -10.08 14.10 15.05
CA ARG B 246 -10.22 12.78 15.67
C ARG B 246 -11.67 12.62 16.11
N ALA B 247 -12.32 11.55 15.69
CA ALA B 247 -13.71 11.28 16.09
C ALA B 247 -13.88 9.82 16.45
N THR B 248 -14.89 9.55 17.28
CA THR B 248 -15.19 8.20 17.72
C THR B 248 -16.59 7.88 17.22
N PHE B 249 -16.75 6.74 16.57
CA PHE B 249 -18.05 6.34 16.03
C PHE B 249 -18.56 5.12 16.73
N ILE B 250 -19.85 5.12 17.06
CA ILE B 250 -20.41 4.05 17.89
C ILE B 250 -21.27 3.09 17.05
N LEU B 251 -20.94 1.81 17.10
CA LEU B 251 -21.85 0.77 16.61
C LEU B 251 -22.48 0.01 17.77
N THR B 252 -23.72 0.35 18.10
CA THR B 252 -24.40 -0.29 19.23
C THR B 252 -24.64 -1.77 18.90
N ARG B 253 -24.89 -2.58 19.92
CA ARG B 253 -25.13 -4.01 19.66
C ARG B 253 -26.37 -4.29 18.80
N ALA B 254 -27.41 -3.47 18.96
CA ALA B 254 -28.65 -3.58 18.17
C ALA B 254 -28.39 -3.31 16.70
N VAL B 255 -27.55 -2.32 16.42
CA VAL B 255 -27.16 -2.04 15.05
C VAL B 255 -26.27 -3.15 14.46
N ILE B 256 -25.29 -3.62 15.24
CA ILE B 256 -24.43 -4.71 14.79
C ILE B 256 -25.23 -5.98 14.45
N ASN B 257 -26.20 -6.32 15.29
CA ASN B 257 -27.03 -7.52 15.05
C ASN B 257 -27.89 -7.39 13.80
N GLN B 258 -28.47 -6.22 13.58
CA GLN B 258 -29.19 -5.93 12.35
C GLN B 258 -28.27 -6.00 11.11
N LEU B 259 -27.03 -5.53 11.25
CA LEU B 259 -26.04 -5.64 10.17
C LEU B 259 -25.68 -7.11 9.90
N LYS B 260 -25.44 -7.90 10.95
CA LYS B 260 -25.20 -9.36 10.80
C LYS B 260 -26.35 -10.04 10.04
N ASP B 261 -27.57 -9.68 10.42
CA ASP B 261 -28.79 -10.27 9.88
C ASP B 261 -28.94 -10.00 8.39
N ARG B 262 -28.66 -8.76 8.00
CA ARG B 262 -28.59 -8.37 6.60
C ARG B 262 -27.55 -9.19 5.81
N VAL B 263 -26.36 -9.38 6.37
CA VAL B 263 -25.34 -10.21 5.72
C VAL B 263 -25.80 -11.67 5.58
N LEU B 264 -26.34 -12.24 6.65
CA LEU B 264 -26.75 -13.65 6.66
C LEU B 264 -27.94 -13.94 5.73
N ALA B 265 -28.81 -12.94 5.57
CA ALA B 265 -29.95 -13.02 4.67
C ALA B 265 -29.51 -12.97 3.20
N GLN B 266 -28.65 -12.01 2.87
CA GLN B 266 -28.18 -11.85 1.50
C GLN B 266 -27.16 -12.91 1.06
N LEU B 267 -26.35 -13.37 2.00
CA LEU B 267 -25.27 -14.31 1.71
C LEU B 267 -25.37 -15.51 2.66
N PRO B 268 -26.37 -16.40 2.45
CA PRO B 268 -26.63 -17.45 3.44
C PRO B 268 -25.54 -18.51 3.59
N THR B 269 -24.56 -18.56 2.69
CA THR B 269 -23.51 -19.54 2.81
C THR B 269 -22.10 -18.94 3.05
N LEU B 270 -22.07 -17.64 3.36
CA LEU B 270 -20.83 -17.01 3.78
C LEU B 270 -20.30 -17.76 5.02
N GLU B 271 -19.08 -18.27 4.92
CA GLU B 271 -18.48 -19.09 5.97
C GLU B 271 -18.03 -18.40 7.26
N TYR B 272 -17.84 -17.08 7.23
CA TYR B 272 -17.45 -16.37 8.43
C TYR B 272 -18.17 -15.02 8.54
N VAL B 273 -18.98 -14.87 9.57
CA VAL B 273 -19.67 -13.62 9.89
C VAL B 273 -19.59 -13.45 11.41
N SER B 274 -19.09 -12.30 11.86
CA SER B 274 -19.07 -11.95 13.29
C SER B 274 -19.38 -10.48 13.47
N SER B 275 -19.63 -10.09 14.72
CA SER B 275 -19.74 -8.67 15.07
C SER B 275 -18.55 -7.89 14.55
N PHE B 276 -17.35 -8.46 14.68
CA PHE B 276 -16.14 -7.80 14.21
C PHE B 276 -16.09 -7.61 12.70
N THR B 277 -16.29 -8.68 11.92
CA THR B 277 -16.22 -8.58 10.45
C THR B 277 -17.27 -7.63 9.90
N VAL B 278 -18.44 -7.65 10.53
CA VAL B 278 -19.54 -6.77 10.13
C VAL B 278 -19.24 -5.29 10.46
N ALA B 279 -18.63 -5.03 11.61
CA ALA B 279 -18.18 -3.68 11.95
C ALA B 279 -17.10 -3.18 10.97
N CYS B 280 -16.11 -4.02 10.71
CA CYS B 280 -15.07 -3.74 9.73
C CYS B 280 -15.67 -3.45 8.36
N ALA B 281 -16.62 -4.28 7.94
CA ALA B 281 -17.25 -4.12 6.62
C ALA B 281 -18.02 -2.80 6.54
N TYR B 282 -18.76 -2.48 7.58
CA TYR B 282 -19.46 -1.20 7.61
C TYR B 282 -18.51 0.00 7.56
N ILE B 283 -17.42 -0.03 8.33
CA ILE B 283 -16.48 1.10 8.32
C ILE B 283 -15.72 1.20 7.00
N TRP B 284 -15.35 0.05 6.45
CA TRP B 284 -14.67 0.01 5.16
C TRP B 284 -15.54 0.64 4.08
N SER B 285 -16.82 0.27 4.06
CA SER B 285 -17.78 0.82 3.12
C SER B 285 -17.86 2.36 3.24
N CYS B 286 -17.84 2.87 4.49
CA CYS B 286 -17.81 4.33 4.75
C CYS B 286 -16.51 4.99 4.27
N ILE B 287 -15.37 4.32 4.48
CA ILE B 287 -14.08 4.79 3.98
C ILE B 287 -14.11 4.89 2.45
N ALA B 288 -14.67 3.86 1.80
CA ALA B 288 -14.79 3.78 0.34
C ALA B 288 -15.58 4.97 -0.20
N LYS B 289 -16.75 5.22 0.36
CA LYS B 289 -17.57 6.37 -0.01
C LYS B 289 -16.88 7.73 0.24
N SER B 290 -16.14 7.84 1.34
CA SER B 290 -15.47 9.08 1.71
C SER B 290 -14.28 9.38 0.80
N ARG B 291 -13.52 8.35 0.45
CA ARG B 291 -12.37 8.48 -0.44
C ARG B 291 -12.76 8.60 -1.90
N ASN B 292 -13.75 7.81 -2.33
CA ASN B 292 -14.21 7.80 -3.75
C ASN B 292 -12.97 7.68 -4.66
N ASP B 293 -12.07 6.76 -4.30
CA ASP B 293 -10.81 6.58 -4.99
C ASP B 293 -10.93 5.38 -5.95
N LYS B 294 -9.84 4.64 -6.16
CA LYS B 294 -9.81 3.57 -7.15
C LYS B 294 -9.82 2.16 -6.58
N LEU B 295 -8.92 1.89 -5.63
CA LEU B 295 -8.66 0.52 -5.18
C LEU B 295 -8.23 0.54 -3.71
N GLN B 296 -8.85 -0.30 -2.89
CA GLN B 296 -8.58 -0.28 -1.45
C GLN B 296 -8.18 -1.61 -0.86
N LEU B 297 -7.27 -1.52 0.11
CA LEU B 297 -6.95 -2.63 1.00
C LEU B 297 -7.48 -2.28 2.40
N PHE B 298 -8.11 -3.26 3.05
CA PHE B 298 -8.50 -3.17 4.46
C PHE B 298 -8.00 -4.45 5.13
N GLY B 299 -7.27 -4.30 6.25
CA GLY B 299 -6.77 -5.46 6.99
C GLY B 299 -6.74 -5.27 8.52
N PHE B 300 -6.42 -6.36 9.23
CA PHE B 300 -6.41 -6.37 10.69
C PHE B 300 -5.51 -7.47 11.22
N PRO B 301 -4.90 -7.25 12.41
CA PRO B 301 -4.12 -8.31 13.03
C PRO B 301 -5.01 -9.39 13.69
N ILE B 302 -4.41 -10.56 13.86
CA ILE B 302 -5.05 -11.72 14.46
C ILE B 302 -4.14 -12.22 15.58
N ASP B 303 -4.68 -12.31 16.80
CA ASP B 303 -3.98 -12.97 17.91
C ASP B 303 -3.97 -14.47 17.64
N ARG B 304 -2.80 -15.01 17.35
CA ARG B 304 -2.65 -16.40 16.97
C ARG B 304 -2.52 -17.40 18.13
N ARG B 305 -2.39 -16.91 19.36
CA ARG B 305 -2.19 -17.78 20.53
C ARG B 305 -3.03 -19.08 20.54
N ALA B 306 -4.35 -18.91 20.49
CA ALA B 306 -5.30 -20.02 20.52
C ALA B 306 -5.34 -20.80 19.20
N ARG B 307 -4.73 -20.24 18.15
CA ARG B 307 -4.75 -20.86 16.82
C ARG B 307 -3.47 -21.66 16.59
N MET B 308 -2.49 -21.50 17.46
CA MET B 308 -1.24 -22.25 17.37
C MET B 308 -1.49 -23.74 17.56
N LYS B 309 -0.66 -24.58 16.97
CA LYS B 309 -0.74 -26.03 17.19
C LYS B 309 0.55 -26.57 17.84
N PRO B 310 0.49 -26.87 19.16
CA PRO B 310 -0.61 -26.71 20.12
C PRO B 310 -0.84 -25.26 20.58
N PRO B 311 -2.02 -24.95 21.16
CA PRO B 311 -2.29 -23.56 21.59
C PRO B 311 -1.28 -22.99 22.59
N ILE B 312 -1.05 -21.69 22.47
CA ILE B 312 -0.16 -20.93 23.36
C ILE B 312 -1.04 -20.30 24.45
N PRO B 313 -0.62 -20.40 25.73
CA PRO B 313 -1.38 -19.75 26.80
C PRO B 313 -1.52 -18.25 26.58
N THR B 314 -2.64 -17.69 27.03
CA THR B 314 -2.87 -16.24 26.92
C THR B 314 -1.77 -15.46 27.63
N ALA B 315 -1.24 -16.04 28.70
CA ALA B 315 -0.25 -15.38 29.54
C ALA B 315 1.14 -15.35 28.92
N TYR B 316 1.33 -16.04 27.80
CA TYR B 316 2.58 -16.00 27.06
C TYR B 316 3.03 -14.54 26.82
N PHE B 317 4.25 -14.25 27.27
CA PHE B 317 4.79 -12.91 27.13
C PHE B 317 5.46 -12.68 25.79
N GLY B 318 4.95 -11.68 25.07
CA GLY B 318 5.57 -11.23 23.82
C GLY B 318 4.57 -11.16 22.68
N ASN B 319 5.07 -11.13 21.45
CA ASN B 319 4.20 -11.10 20.28
C ASN B 319 3.79 -12.50 19.79
N CYS B 320 2.51 -12.62 19.42
CA CYS B 320 2.04 -13.80 18.69
C CYS B 320 0.89 -13.33 17.79
N VAL B 321 1.24 -12.52 16.79
CA VAL B 321 0.23 -11.89 15.93
C VAL B 321 0.37 -12.24 14.47
N GLY B 322 -0.77 -12.44 13.83
CA GLY B 322 -0.83 -12.62 12.40
C GLY B 322 -1.69 -11.53 11.82
N GLY B 323 -1.99 -11.67 10.55
CA GLY B 323 -2.76 -10.66 9.85
C GLY B 323 -3.64 -11.20 8.75
N CYS B 324 -4.62 -10.40 8.37
CA CYS B 324 -5.53 -10.75 7.31
C CYS B 324 -5.89 -9.49 6.56
N ALA B 325 -5.99 -9.59 5.23
CA ALA B 325 -6.33 -8.42 4.43
C ALA B 325 -7.24 -8.77 3.26
N ALA B 326 -7.95 -7.75 2.80
CA ALA B 326 -8.85 -7.82 1.65
C ALA B 326 -8.62 -6.62 0.76
N ILE B 327 -8.73 -6.84 -0.54
CA ILE B 327 -8.57 -5.79 -1.55
C ILE B 327 -9.77 -5.77 -2.47
N ALA B 328 -10.28 -4.57 -2.73
CA ALA B 328 -11.43 -4.41 -3.59
C ALA B 328 -11.43 -3.04 -4.24
N LYS B 329 -11.97 -3.03 -5.45
CA LYS B 329 -12.25 -1.80 -6.15
C LYS B 329 -13.24 -0.98 -5.34
N THR B 330 -12.93 0.31 -5.20
CA THR B 330 -13.75 1.23 -4.41
C THR B 330 -15.22 1.24 -4.83
N ASN B 331 -15.51 1.25 -6.13
CA ASN B 331 -16.89 1.26 -6.60
C ASN B 331 -17.68 0.01 -6.19
N LEU B 332 -16.98 -1.08 -5.91
CA LEU B 332 -17.62 -2.28 -5.39
C LEU B 332 -17.96 -2.23 -3.89
N LEU B 333 -17.44 -1.23 -3.18
CA LEU B 333 -17.60 -1.14 -1.72
C LEU B 333 -18.58 -0.06 -1.25
N ILE B 334 -19.05 0.74 -2.17
CA ILE B 334 -19.93 1.85 -1.83
C ILE B 334 -21.40 1.41 -1.65
N GLY B 335 -22.05 1.94 -0.61
CA GLY B 335 -23.51 1.77 -0.43
C GLY B 335 -23.97 0.51 0.28
N LYS B 336 -25.28 0.27 0.26
CA LYS B 336 -25.84 -0.91 0.95
C LYS B 336 -25.30 -2.23 0.38
N GLU B 337 -25.15 -2.29 -0.95
CA GLU B 337 -24.50 -3.45 -1.59
C GLU B 337 -23.00 -3.50 -1.35
N GLY B 338 -22.38 -2.33 -1.24
CA GLY B 338 -20.98 -2.24 -0.90
C GLY B 338 -20.66 -2.85 0.45
N PHE B 339 -21.50 -2.58 1.44
CA PHE B 339 -21.31 -3.15 2.77
C PHE B 339 -21.37 -4.67 2.72
N ILE B 340 -22.30 -5.20 1.92
CA ILE B 340 -22.47 -6.65 1.77
C ILE B 340 -21.21 -7.27 1.14
N THR B 341 -20.71 -6.64 0.08
CA THR B 341 -19.50 -7.07 -0.58
C THR B 341 -18.31 -7.04 0.38
N ALA B 342 -18.19 -5.95 1.14
CA ALA B 342 -17.12 -5.81 2.14
C ALA B 342 -17.15 -6.96 3.14
N ALA B 343 -18.33 -7.30 3.63
CA ALA B 343 -18.50 -8.36 4.61
C ALA B 343 -18.11 -9.73 4.02
N LYS B 344 -18.53 -9.96 2.78
CA LYS B 344 -18.21 -11.18 2.04
C LYS B 344 -16.71 -11.36 1.92
N LEU B 345 -16.03 -10.30 1.48
CA LEU B 345 -14.59 -10.35 1.23
C LEU B 345 -13.77 -10.50 2.51
N ILE B 346 -14.17 -9.78 3.56
CA ILE B 346 -13.53 -9.90 4.87
C ILE B 346 -13.78 -11.32 5.42
N GLY B 347 -15.04 -11.75 5.43
CA GLY B 347 -15.37 -13.11 5.88
C GLY B 347 -14.64 -14.22 5.14
N GLU B 348 -14.58 -14.14 3.82
CA GLU B 348 -13.86 -15.13 3.01
C GLU B 348 -12.37 -15.17 3.33
N ASN B 349 -11.75 -13.99 3.37
CA ASN B 349 -10.33 -13.90 3.62
C ASN B 349 -9.95 -14.35 5.02
N LEU B 350 -10.74 -13.97 6.01
CA LEU B 350 -10.50 -14.42 7.38
C LEU B 350 -10.69 -15.94 7.54
N HIS B 351 -11.77 -16.48 6.97
CA HIS B 351 -11.96 -17.94 6.97
C HIS B 351 -10.75 -18.67 6.33
N LYS B 352 -10.29 -18.18 5.19
CA LYS B 352 -9.11 -18.72 4.53
C LYS B 352 -7.84 -18.70 5.42
N THR B 353 -7.55 -17.54 6.04
CA THR B 353 -6.42 -17.38 6.97
C THR B 353 -6.50 -18.35 8.17
N LEU B 354 -7.67 -18.41 8.81
CA LEU B 354 -7.88 -19.31 9.93
C LEU B 354 -7.76 -20.82 9.59
N THR B 355 -8.19 -21.23 8.39
CA THR B 355 -8.00 -22.64 7.98
C THR B 355 -6.52 -22.93 7.74
N ASP B 356 -5.82 -21.99 7.10
CA ASP B 356 -4.41 -22.17 6.84
C ASP B 356 -3.61 -22.29 8.15
N TYR B 357 -4.02 -21.57 9.19
CA TYR B 357 -3.42 -21.74 10.53
C TYR B 357 -3.73 -23.13 11.06
N LYS B 358 -4.99 -23.53 10.98
CA LYS B 358 -5.49 -24.80 11.49
C LYS B 358 -4.73 -25.97 10.85
N ASP B 359 -4.35 -25.79 9.59
CA ASP B 359 -3.61 -26.82 8.85
C ASP B 359 -2.10 -26.54 8.80
N GLY B 360 -1.59 -25.90 9.86
CA GLY B 360 -0.15 -25.76 10.09
C GLY B 360 0.56 -24.50 9.63
N VAL B 361 0.14 -23.93 8.50
CA VAL B 361 0.88 -22.82 7.84
C VAL B 361 1.26 -21.67 8.79
N LEU B 362 2.52 -21.26 8.72
CA LEU B 362 3.10 -20.34 9.72
C LEU B 362 3.41 -18.93 9.23
N LYS B 363 3.62 -18.77 7.92
CA LYS B 363 3.88 -17.46 7.32
C LYS B 363 2.59 -16.80 6.81
N ASP B 364 2.57 -15.47 6.83
CA ASP B 364 1.40 -14.65 6.46
C ASP B 364 0.11 -15.11 7.15
N ASN B 370 5.98 -7.19 -2.72
CA ASN B 370 5.54 -6.42 -3.89
C ASN B 370 4.60 -7.17 -4.83
N ASP B 371 3.71 -7.99 -4.25
CA ASP B 371 2.56 -8.51 -5.00
C ASP B 371 1.65 -7.37 -5.48
N LEU B 372 1.72 -6.23 -4.79
CA LEU B 372 0.89 -5.07 -5.12
C LEU B 372 1.33 -4.34 -6.37
N VAL B 373 2.64 -4.34 -6.66
CA VAL B 373 3.11 -3.70 -7.90
C VAL B 373 2.49 -4.38 -9.13
N SER B 374 2.45 -5.71 -9.11
CA SER B 374 1.85 -6.47 -10.21
C SER B 374 0.32 -6.36 -10.26
N GLU B 375 -0.34 -6.71 -9.16
CA GLU B 375 -1.81 -6.84 -9.12
C GLU B 375 -2.57 -5.50 -9.08
N GLY B 376 -1.90 -4.46 -8.60
CA GLY B 376 -2.49 -3.14 -8.53
C GLY B 376 -2.19 -2.45 -7.22
N MET B 377 -1.66 -1.23 -7.31
CA MET B 377 -1.36 -0.42 -6.13
C MET B 377 -2.61 0.21 -5.54
N PRO B 378 -2.93 -0.11 -4.27
CA PRO B 378 -4.11 0.48 -3.64
C PRO B 378 -3.94 1.99 -3.47
N THR B 379 -4.99 2.73 -3.76
CA THR B 379 -5.03 4.16 -3.48
C THR B 379 -5.40 4.48 -2.01
N THR B 380 -5.90 3.49 -1.29
CA THR B 380 -6.19 3.62 0.15
C THR B 380 -5.87 2.30 0.83
N MET B 381 -5.20 2.37 1.98
CA MET B 381 -4.92 1.20 2.80
C MET B 381 -5.26 1.48 4.26
N THR B 382 -6.07 0.60 4.86
CA THR B 382 -6.46 0.75 6.28
C THR B 382 -6.14 -0.52 7.09
N TRP B 383 -5.42 -0.35 8.19
CA TRP B 383 -5.12 -1.45 9.09
C TRP B 383 -5.73 -1.18 10.47
N VAL B 384 -6.44 -2.16 11.02
CA VAL B 384 -7.14 -1.99 12.27
C VAL B 384 -6.22 -2.14 13.49
N SER B 385 -6.29 -1.14 14.37
CA SER B 385 -5.71 -1.23 15.69
C SER B 385 -6.83 -1.52 16.70
N GLY B 386 -6.57 -2.34 17.70
CA GLY B 386 -7.50 -2.43 18.82
C GLY B 386 -8.05 -3.81 18.98
N THR B 387 -8.67 -4.04 20.15
CA THR B 387 -9.07 -5.39 20.58
C THR B 387 -10.36 -5.30 21.39
N PRO B 388 -11.50 -5.36 20.70
CA PRO B 388 -12.83 -5.29 21.30
C PRO B 388 -13.01 -6.31 22.44
N LYS B 389 -12.35 -7.46 22.36
CA LYS B 389 -12.51 -8.49 23.41
C LYS B 389 -11.47 -8.49 24.55
N LEU B 390 -10.57 -7.50 24.54
CA LEU B 390 -9.70 -7.22 25.69
C LEU B 390 -10.20 -5.91 26.29
N ARG B 391 -10.66 -5.95 27.53
CA ARG B 391 -11.34 -4.78 28.07
C ARG B 391 -10.41 -3.79 28.76
N PHE B 392 -9.73 -3.00 27.94
CA PHE B 392 -8.91 -1.90 28.43
C PHE B 392 -9.80 -0.87 29.12
N TYR B 393 -11.07 -0.80 28.73
CA TYR B 393 -12.04 0.08 29.43
C TYR B 393 -12.33 -0.26 30.91
N ASP B 394 -11.76 -1.36 31.42
CA ASP B 394 -11.92 -1.74 32.84
C ASP B 394 -10.69 -1.45 33.70
N MET B 395 -9.69 -0.79 33.11
CA MET B 395 -8.44 -0.52 33.83
C MET B 395 -8.65 0.55 34.91
N ASP B 396 -8.61 0.14 36.17
CA ASP B 396 -8.97 1.02 37.28
C ASP B 396 -7.77 1.09 38.23
N PHE B 397 -7.14 2.27 38.31
CA PHE B 397 -5.97 2.47 39.19
C PHE B 397 -6.35 2.82 40.62
N GLY B 398 -7.65 3.01 40.84
CA GLY B 398 -8.18 3.36 42.15
C GLY B 398 -9.13 4.54 42.07
N TRP B 399 -9.21 5.18 40.90
CA TRP B 399 -10.08 6.34 40.71
C TRP B 399 -11.27 5.98 39.87
N GLY B 400 -11.42 4.72 39.53
CA GLY B 400 -12.51 4.30 38.66
C GLY B 400 -12.09 3.90 37.26
N LYS B 401 -13.06 3.42 36.50
CA LYS B 401 -12.85 3.01 35.13
C LYS B 401 -12.67 4.25 34.27
N PRO B 402 -11.91 4.11 33.17
CA PRO B 402 -11.67 5.22 32.26
C PRO B 402 -12.95 5.78 31.63
N LYS B 403 -13.01 7.10 31.51
CA LYS B 403 -14.06 7.77 30.71
C LYS B 403 -13.84 7.56 29.21
N LYS B 404 -12.59 7.57 28.77
CA LYS B 404 -12.29 7.48 27.36
C LYS B 404 -10.94 6.82 27.12
N LEU B 405 -10.87 6.03 26.06
CA LEU B 405 -9.60 5.53 25.55
C LEU B 405 -9.38 6.10 24.16
N GLU B 406 -8.14 6.47 23.86
CA GLU B 406 -7.76 6.89 22.53
C GLU B 406 -6.43 6.23 22.15
N THR B 407 -6.38 5.66 20.95
CA THR B 407 -5.10 5.19 20.42
C THR B 407 -4.56 6.26 19.48
N VAL B 408 -3.65 7.04 20.01
CA VAL B 408 -3.08 8.21 19.35
C VAL B 408 -2.23 7.86 18.14
N SER B 409 -1.59 6.69 18.16
CA SER B 409 -0.65 6.32 17.11
C SER B 409 -1.32 5.91 15.77
N ILE B 410 -2.65 5.85 15.71
CA ILE B 410 -3.35 5.70 14.43
C ILE B 410 -3.12 6.91 13.51
N ASP B 411 -2.83 8.07 14.11
CA ASP B 411 -2.51 9.31 13.38
C ASP B 411 -1.32 9.20 12.44
N HIS B 412 -0.50 8.19 12.66
CA HIS B 412 0.76 7.95 11.93
C HIS B 412 0.59 7.43 10.49
N ASN B 413 -0.46 6.66 10.26
CA ASN B 413 -0.53 5.84 9.05
C ASN B 413 -1.98 5.41 8.79
N GLY B 414 -2.21 4.57 7.80
CA GLY B 414 -3.58 4.18 7.44
C GLY B 414 -4.08 3.18 8.45
N ALA B 415 -4.79 3.68 9.45
CA ALA B 415 -5.15 2.92 10.63
C ALA B 415 -6.37 3.53 11.23
N ILE B 416 -7.25 2.66 11.76
CA ILE B 416 -8.38 3.05 12.58
C ILE B 416 -8.36 2.19 13.84
N SER B 417 -9.02 2.65 14.88
CA SER B 417 -9.11 1.82 16.08
C SER B 417 -10.53 1.29 16.27
N ILE B 418 -10.63 0.05 16.74
CA ILE B 418 -11.90 -0.58 17.05
C ILE B 418 -11.73 -1.22 18.42
N ASN B 419 -12.56 -0.78 19.36
CA ASN B 419 -12.56 -1.31 20.71
C ASN B 419 -13.99 -1.43 21.20
N SER B 420 -14.18 -2.18 22.28
CA SER B 420 -15.48 -2.17 22.94
C SER B 420 -15.71 -0.83 23.67
N CYS B 421 -16.87 -0.66 24.29
CA CYS B 421 -17.28 0.66 24.77
C CYS B 421 -16.92 1.01 26.20
N LYS B 422 -17.40 0.29 27.21
CA LYS B 422 -17.15 0.86 28.56
C LYS B 422 -18.30 0.79 29.52
N GLU B 423 -19.44 1.27 29.05
CA GLU B 423 -20.73 1.00 29.69
C GLU B 423 -21.35 -0.17 28.93
N SER B 424 -20.63 -0.64 27.91
CA SER B 424 -21.03 -1.85 27.17
C SER B 424 -19.87 -2.61 26.49
N ASN B 425 -19.69 -3.86 26.91
CA ASN B 425 -18.78 -4.79 26.25
C ASN B 425 -19.29 -5.30 24.90
N GLU B 426 -20.53 -4.96 24.57
CA GLU B 426 -21.16 -5.47 23.35
C GLU B 426 -21.31 -4.42 22.25
N ASP B 427 -21.10 -3.15 22.60
CA ASP B 427 -21.02 -2.08 21.61
C ASP B 427 -19.57 -1.93 21.13
N LEU B 428 -19.40 -1.31 19.96
CA LEU B 428 -18.07 -1.03 19.41
C LEU B 428 -17.83 0.47 19.17
N GLU B 429 -16.64 0.93 19.58
CA GLU B 429 -16.19 2.32 19.41
C GLU B 429 -15.14 2.32 18.32
N ILE B 430 -15.33 3.13 17.30
CA ILE B 430 -14.39 3.17 16.18
C ILE B 430 -13.75 4.56 16.11
N GLY B 431 -12.43 4.58 16.24
CA GLY B 431 -11.67 5.83 16.27
C GLY B 431 -11.04 6.10 14.92
N VAL B 432 -11.27 7.32 14.43
CA VAL B 432 -10.77 7.76 13.13
C VAL B 432 -10.03 9.12 13.32
N CYS B 433 -8.89 9.27 12.66
CA CYS B 433 -8.25 10.58 12.56
C CYS B 433 -8.01 10.86 11.08
N ILE B 434 -8.71 11.85 10.57
CA ILE B 434 -8.57 12.27 9.17
C ILE B 434 -8.69 13.77 9.03
N SER B 435 -8.23 14.26 7.88
CA SER B 435 -8.11 15.69 7.66
C SER B 435 -9.48 16.32 7.82
N ALA B 436 -9.45 17.58 8.24
CA ALA B 436 -10.65 18.32 8.60
C ALA B 436 -11.69 18.39 7.49
N THR B 437 -11.24 18.50 6.25
CA THR B 437 -12.16 18.56 5.11
C THR B 437 -12.92 17.25 4.93
N GLN B 438 -12.21 16.12 5.05
CA GLN B 438 -12.82 14.79 4.88
C GLN B 438 -13.71 14.34 6.05
N MET B 439 -13.51 14.91 7.24
CA MET B 439 -14.29 14.49 8.43
C MET B 439 -15.78 14.78 8.32
N GLU B 440 -16.12 15.96 7.81
CA GLU B 440 -17.53 16.33 7.71
C GLU B 440 -18.34 15.33 6.86
N ASP B 441 -17.80 14.94 5.71
CA ASP B 441 -18.45 13.95 4.85
C ASP B 441 -18.50 12.60 5.55
N PHE B 442 -17.39 12.20 6.18
CA PHE B 442 -17.33 10.91 6.84
C PHE B 442 -18.41 10.76 7.92
N VAL B 443 -18.59 11.80 8.73
CA VAL B 443 -19.61 11.79 9.79
C VAL B 443 -21.00 11.59 9.17
N HIS B 444 -21.30 12.33 8.10
CA HIS B 444 -22.55 12.19 7.37
C HIS B 444 -22.71 10.80 6.77
N ILE B 445 -21.66 10.29 6.15
CA ILE B 445 -21.70 8.95 5.56
C ILE B 445 -21.98 7.88 6.61
N PHE B 446 -21.24 7.94 7.72
CA PHE B 446 -21.42 6.95 8.78
C PHE B 446 -22.83 7.01 9.38
N ASP B 447 -23.26 8.20 9.82
CA ASP B 447 -24.60 8.39 10.42
C ASP B 447 -25.74 8.10 9.47
N ASP B 448 -25.64 8.58 8.23
CA ASP B 448 -26.73 8.40 7.27
C ASP B 448 -26.93 6.93 6.89
N GLY B 449 -25.82 6.18 6.80
CA GLY B 449 -25.86 4.77 6.41
C GLY B 449 -26.46 3.88 7.47
N LEU B 450 -26.60 4.41 8.67
CA LEU B 450 -27.23 3.66 9.74
C LEU B 450 -28.70 4.03 9.85
C8 MLC C . 22.92 9.56 -14.26
N9 MLC C . 22.20 10.69 -14.11
C4 MLC C . 22.56 11.28 -12.97
C5 MLC C . 23.61 10.43 -12.39
N7 MLC C . 23.78 9.39 -13.22
N3 MLC C . 22.20 12.42 -12.31
C2 MLC C . 22.78 12.77 -11.15
N1 MLC C . 23.74 12.03 -10.57
C6 MLC C . 24.20 10.88 -11.11
N6 MLC C . 25.16 10.13 -10.52
C1' MLC C . 21.14 11.16 -15.06
C2' MLC C . 20.95 12.66 -15.24
O2' MLC C . 22.13 13.27 -15.79
C3' MLC C . 19.87 12.56 -16.28
O3' MLC C . 19.71 13.79 -16.95
C4' MLC C . 20.41 11.49 -17.21
O4' MLC C . 21.29 10.69 -16.41
C5' MLC C . 19.26 10.61 -17.70
O5' MLC C . 19.56 9.32 -17.24
P1 MLC C . 18.72 8.03 -17.64
O11 MLC C . 17.88 8.28 -18.88
O12 MLC C . 19.69 6.85 -17.59
O6 MLC C . 17.78 7.89 -16.34
P2 MLC C . 16.60 8.88 -15.85
O21 MLC C . 17.03 9.50 -14.53
O22 MLC C . 16.09 9.80 -16.92
O7 MLC C . 15.49 7.75 -15.54
CPB MLC C . 15.70 6.76 -14.51
CPA MLC C . 14.82 5.51 -14.70
CP7 MLC C . 15.35 4.60 -15.83
CP9 MLC C . 13.35 5.96 -14.82
CP8 MLC C . 14.93 4.68 -13.44
OP3 MLC C . 16.26 5.27 -16.73
CP6 MLC C . 14.36 3.72 -16.58
OP2 MLC C . 14.50 2.52 -16.46
NP2 MLC C . 13.39 4.19 -17.36
CP5 MLC C . 12.50 3.33 -18.14
CP4 MLC C . 11.37 2.67 -17.33
CP3 MLC C . 10.55 1.70 -18.16
OP1 MLC C . 11.09 0.94 -18.95
NP1 MLC C . 9.22 1.70 -18.04
CP2 MLC C . 8.45 0.61 -17.47
CP1 MLC C . 8.43 -0.68 -18.25
S MLC C . 6.79 -1.35 -18.33
P3 MLC C . 18.49 14.28 -17.87
O31 MLC C . 19.24 14.93 -19.00
O32 MLC C . 17.68 13.07 -18.33
O33 MLC C . 17.78 15.23 -16.95
CM1 MLC C . 5.89 -0.99 -16.95
CM2 MLC C . 4.88 0.17 -16.94
CM3 MLC C . 4.84 1.02 -18.20
OM2 MLC C . 6.02 -1.68 -15.94
OM3 MLC C . 5.49 2.08 -18.21
OM4 MLC C . 4.16 0.66 -19.19
C8 MLC D . -16.33 -18.40 14.84
N9 MLC D . -17.11 -17.32 14.65
C4 MLC D . -17.79 -17.51 13.50
C5 MLC D . -17.37 -18.82 12.98
N7 MLC D . -16.47 -19.32 13.84
N3 MLC D . -18.69 -16.80 12.79
C2 MLC D . -19.23 -17.26 11.64
N1 MLC D . -18.89 -18.44 11.12
C6 MLC D . -18.00 -19.26 11.70
N6 MLC D . -17.67 -20.46 11.15
C1' MLC D . -17.15 -16.11 15.58
C2' MLC D . -18.35 -15.19 15.48
O2' MLC D . -19.57 -15.95 15.53
C3' MLC D . -18.21 -14.34 16.72
O3' MLC D . -19.45 -13.82 17.16
C4' MLC D . -17.62 -15.30 17.73
O4' MLC D . -17.13 -16.44 16.99
C5' MLC D . -16.46 -14.65 18.46
O5' MLC D . -15.35 -14.82 17.59
P1 MLC D . -13.83 -14.54 18.00
O11 MLC D . -13.74 -13.61 19.18
O12 MLC D . -13.08 -15.85 18.00
O6 MLC D . -13.39 -13.81 16.61
P2 MLC D . -13.96 -12.41 16.05
O21 MLC D . -14.57 -12.60 14.67
O22 MLC D . -14.77 -11.69 17.11
O7 MLC D . -12.55 -11.68 15.80
CPB MLC D . -11.66 -12.25 14.84
CPA MLC D . -10.22 -11.75 15.03
CP7 MLC D . -9.54 -12.42 16.27
CP9 MLC D . -10.21 -10.22 15.02
CP8 MLC D . -9.39 -12.24 13.85
OP3 MLC D . -10.48 -12.92 17.23
CP6 MLC D . -8.43 -11.64 16.93
OP2 MLC D . -7.35 -12.19 16.97
NP2 MLC D . -8.62 -10.43 17.44
CP5 MLC D . -7.60 -9.78 18.26
CP4 MLC D . -6.51 -9.11 17.44
CP3 MLC D . -5.41 -8.51 18.27
OP1 MLC D . -4.98 -9.09 19.27
NP1 MLC D . -4.91 -7.35 17.83
CP2 MLC D . -3.82 -6.67 18.51
CP1 MLC D . -2.45 -7.19 18.10
S MLC D . -1.22 -6.07 18.71
P3 MLC D . -19.74 -12.42 17.88
O31 MLC D . -20.68 -12.81 19.01
O32 MLC D . -18.42 -11.84 18.38
O33 MLC D . -20.42 -11.62 16.81
CM1 MLC D . -1.00 -4.88 17.55
CM2 MLC D . -1.24 -3.42 17.94
CM3 MLC D . -2.68 -3.15 18.32
OM2 MLC D . -0.64 -5.19 16.40
OM3 MLC D . -3.56 -3.39 17.48
OM4 MLC D . -2.95 -2.70 19.46
#